data_3U91
# 
_entry.id   3U91 
# 
_audit_conform.dict_name       mmcif_pdbx.dic 
_audit_conform.dict_version    5.379 
_audit_conform.dict_location   http://mmcif.pdb.org/dictionaries/ascii/mmcif_pdbx.dic 
# 
loop_
_database_2.database_id 
_database_2.database_code 
_database_2.pdbx_database_accession 
_database_2.pdbx_DOI 
PDB   3U91         pdb_00003u91 10.2210/pdb3u91/pdb 
RCSB  RCSB068458   ?            ?                   
WWPDB D_1000068458 ?            ?                   
# 
_pdbx_database_status.status_code                     REL 
_pdbx_database_status.entry_id                        3U91 
_pdbx_database_status.recvd_initial_deposition_date   2011-10-17 
_pdbx_database_status.deposit_site                    RCSB 
_pdbx_database_status.process_site                    RCSB 
_pdbx_database_status.status_code_sf                  REL 
_pdbx_database_status.status_code_mr                  ? 
_pdbx_database_status.SG_entry                        ? 
_pdbx_database_status.status_code_cs                  ? 
_pdbx_database_status.methods_development_category    ? 
_pdbx_database_status.pdb_format_compatible           Y 
_pdbx_database_status.status_code_nmr_data            ? 
# 
loop_
_audit_author.name 
_audit_author.pdbx_ordinal 
'Liu, J.' 1 
'Lu, M.'  2 
# 
_citation.id                        primary 
_citation.title                     'Structural Determinants of Trimerization Specificity in HIV-1 gp41 Protein' 
_citation.journal_abbrev            'To be Published' 
_citation.journal_volume            ? 
_citation.page_first                ? 
_citation.page_last                 ? 
_citation.year                      ? 
_citation.journal_id_ASTM           ? 
_citation.country                   ? 
_citation.journal_id_ISSN           ? 
_citation.journal_id_CSD            0353 
_citation.book_publisher            ? 
_citation.pdbx_database_id_PubMed   ? 
_citation.pdbx_database_id_DOI      ? 
# 
loop_
_citation_author.citation_id 
_citation_author.name 
_citation_author.ordinal 
_citation_author.identifier_ORCID 
primary 'Liu, J.'     1 ? 
primary 'Li, Q.'      2 ? 
primary 'Dey, A.K.'   3 ? 
primary 'Moore, J.P.' 4 ? 
primary 'Lu, M.'      5 ? 
# 
_cell.entry_id           3U91 
_cell.length_a           45.308 
_cell.length_b           45.308 
_cell.length_c           42.160 
_cell.angle_alpha        90.00 
_cell.angle_beta         90.00 
_cell.angle_gamma        120.00 
_cell.Z_PDB              6 
_cell.pdbx_unique_axis   ? 
_cell.length_a_esd       ? 
_cell.length_b_esd       ? 
_cell.length_c_esd       ? 
_cell.angle_alpha_esd    ? 
_cell.angle_beta_esd     ? 
_cell.angle_gamma_esd    ? 
# 
_symmetry.entry_id                         3U91 
_symmetry.space_group_name_H-M             'P 3 2 1' 
_symmetry.pdbx_full_space_group_name_H-M   ? 
_symmetry.cell_setting                     ? 
_symmetry.Int_Tables_number                150 
_symmetry.space_group_name_Hall            ? 
# 
loop_
_entity.id 
_entity.type 
_entity.src_method 
_entity.pdbx_description 
_entity.formula_weight 
_entity.pdbx_number_of_molecules 
_entity.pdbx_ec 
_entity.pdbx_mutation 
_entity.pdbx_fragment 
_entity.details 
1 polymer     man Gp41                                                                3936.581 1  ? ? 'N-TERMINAL DOMAIN' ? 
2 non-polymer syn 
;O-(O-(2-AMINOPROPYL)-O'-(2-METHOXYETHYL)POLYPROPYLENE GLYCOL 500)
;
597.822  1  ? ? ?                   ? 
3 water       nat water                                                               18.015   48 ? ? ?                   ? 
# 
_entity_poly.entity_id                      1 
_entity_poly.type                           'polypeptide(L)' 
_entity_poly.nstd_linkage                   no 
_entity_poly.nstd_monomer                   no 
_entity_poly.pdbx_seq_one_letter_code       EAQQHLLQLTVWGIKQLQARILAVERYLKDQQL 
_entity_poly.pdbx_seq_one_letter_code_can   EAQQHLLQLTVWGIKQLQARILAVERYLKDQQL 
_entity_poly.pdbx_strand_id                 A 
_entity_poly.pdbx_target_identifier         ? 
# 
loop_
_entity_poly_seq.entity_id 
_entity_poly_seq.num 
_entity_poly_seq.mon_id 
_entity_poly_seq.hetero 
1 1  GLU n 
1 2  ALA n 
1 3  GLN n 
1 4  GLN n 
1 5  HIS n 
1 6  LEU n 
1 7  LEU n 
1 8  GLN n 
1 9  LEU n 
1 10 THR n 
1 11 VAL n 
1 12 TRP n 
1 13 GLY n 
1 14 ILE n 
1 15 LYS n 
1 16 GLN n 
1 17 LEU n 
1 18 GLN n 
1 19 ALA n 
1 20 ARG n 
1 21 ILE n 
1 22 LEU n 
1 23 ALA n 
1 24 VAL n 
1 25 GLU n 
1 26 ARG n 
1 27 TYR n 
1 28 LEU n 
1 29 LYS n 
1 30 ASP n 
1 31 GLN n 
1 32 GLN n 
1 33 LEU n 
# 
_entity_src_gen.entity_id                          1 
_entity_src_gen.pdbx_src_id                        1 
_entity_src_gen.pdbx_alt_source_flag               sample 
_entity_src_gen.pdbx_seq_type                      ? 
_entity_src_gen.pdbx_beg_seq_num                   ? 
_entity_src_gen.pdbx_end_seq_num                   ? 
_entity_src_gen.gene_src_common_name               ? 
_entity_src_gen.gene_src_genus                     ? 
_entity_src_gen.pdbx_gene_src_gene                 env 
_entity_src_gen.gene_src_species                   ? 
_entity_src_gen.gene_src_strain                    ? 
_entity_src_gen.gene_src_tissue                    ? 
_entity_src_gen.gene_src_tissue_fraction           ? 
_entity_src_gen.gene_src_details                   ? 
_entity_src_gen.pdbx_gene_src_fragment             ? 
_entity_src_gen.pdbx_gene_src_scientific_name      'Human immunodeficiency virus 1' 
_entity_src_gen.pdbx_gene_src_ncbi_taxonomy_id     11676 
_entity_src_gen.pdbx_gene_src_variant              ? 
_entity_src_gen.pdbx_gene_src_cell_line            ? 
_entity_src_gen.pdbx_gene_src_atcc                 ? 
_entity_src_gen.pdbx_gene_src_organ                ? 
_entity_src_gen.pdbx_gene_src_organelle            ? 
_entity_src_gen.pdbx_gene_src_cell                 ? 
_entity_src_gen.pdbx_gene_src_cellular_location    ? 
_entity_src_gen.host_org_common_name               ? 
_entity_src_gen.pdbx_host_org_scientific_name      'Escherichia coli' 
_entity_src_gen.pdbx_host_org_ncbi_taxonomy_id     562 
_entity_src_gen.host_org_genus                     ? 
_entity_src_gen.pdbx_host_org_gene                 ? 
_entity_src_gen.pdbx_host_org_organ                ? 
_entity_src_gen.host_org_species                   ? 
_entity_src_gen.pdbx_host_org_tissue               ? 
_entity_src_gen.pdbx_host_org_tissue_fraction      ? 
_entity_src_gen.pdbx_host_org_strain               ? 
_entity_src_gen.pdbx_host_org_variant              ? 
_entity_src_gen.pdbx_host_org_cell_line            ? 
_entity_src_gen.pdbx_host_org_atcc                 ? 
_entity_src_gen.pdbx_host_org_culture_collection   ? 
_entity_src_gen.pdbx_host_org_cell                 ? 
_entity_src_gen.pdbx_host_org_organelle            ? 
_entity_src_gen.pdbx_host_org_cellular_location    ? 
_entity_src_gen.pdbx_host_org_vector_type          ? 
_entity_src_gen.pdbx_host_org_vector               ? 
_entity_src_gen.host_org_details                   ? 
_entity_src_gen.expression_system_id               ? 
_entity_src_gen.plasmid_name                       ? 
_entity_src_gen.plasmid_details                    ? 
_entity_src_gen.pdbx_description                   ? 
# 
_struct_ref.id                         1 
_struct_ref.db_name                    UNP 
_struct_ref.db_code                    Q9YYZ1_9HIV1 
_struct_ref.pdbx_db_accession          Q9YYZ1 
_struct_ref.entity_id                  1 
_struct_ref.pdbx_seq_one_letter_code   EAQQHLLQLTVWGIKQLQARILAVERYLKDQQL 
_struct_ref.pdbx_align_begin           7 
_struct_ref.pdbx_db_isoform            ? 
# 
_struct_ref_seq.align_id                      1 
_struct_ref_seq.ref_id                        1 
_struct_ref_seq.pdbx_PDB_id_code              3U91 
_struct_ref_seq.pdbx_strand_id                A 
_struct_ref_seq.seq_align_beg                 1 
_struct_ref_seq.pdbx_seq_align_beg_ins_code   ? 
_struct_ref_seq.seq_align_end                 33 
_struct_ref_seq.pdbx_seq_align_end_ins_code   ? 
_struct_ref_seq.pdbx_db_accession             Q9YYZ1 
_struct_ref_seq.db_align_beg                  7 
_struct_ref_seq.pdbx_db_align_beg_ins_code    ? 
_struct_ref_seq.db_align_end                  39 
_struct_ref_seq.pdbx_db_align_end_ins_code    ? 
_struct_ref_seq.pdbx_auth_seq_align_beg       1 
_struct_ref_seq.pdbx_auth_seq_align_end       33 
# 
loop_
_chem_comp.id 
_chem_comp.type 
_chem_comp.mon_nstd_flag 
_chem_comp.name 
_chem_comp.pdbx_synonyms 
_chem_comp.formula 
_chem_comp.formula_weight 
ALA 'L-peptide linking' y ALANINE                                                             ?         'C3 H7 N O2'     89.093  
ARG 'L-peptide linking' y ARGININE                                                            ?         'C6 H15 N4 O2 1' 175.209 
ASP 'L-peptide linking' y 'ASPARTIC ACID'                                                     ?         'C4 H7 N O4'     133.103 
GLN 'L-peptide linking' y GLUTAMINE                                                           ?         'C5 H10 N2 O3'   146.144 
GLU 'L-peptide linking' y 'GLUTAMIC ACID'                                                     ?         'C5 H9 N O4'     147.129 
GLY 'peptide linking'   y GLYCINE                                                             ?         'C2 H5 N O2'     75.067  
HIS 'L-peptide linking' y HISTIDINE                                                           ?         'C6 H10 N3 O2 1' 156.162 
HOH non-polymer         . WATER                                                               ?         'H2 O'           18.015  
ILE 'L-peptide linking' y ISOLEUCINE                                                          ?         'C6 H13 N O2'    131.173 
JEF non-polymer         . 
;O-(O-(2-AMINOPROPYL)-O'-(2-METHOXYETHYL)POLYPROPYLENE GLYCOL 500)
;
JEFFAMINE 'C30 H63 N O10'  597.822 
LEU 'L-peptide linking' y LEUCINE                                                             ?         'C6 H13 N O2'    131.173 
LYS 'L-peptide linking' y LYSINE                                                              ?         'C6 H15 N2 O2 1' 147.195 
THR 'L-peptide linking' y THREONINE                                                           ?         'C4 H9 N O3'     119.119 
TRP 'L-peptide linking' y TRYPTOPHAN                                                          ?         'C11 H12 N2 O2'  204.225 
TYR 'L-peptide linking' y TYROSINE                                                            ?         'C9 H11 N O3'    181.189 
VAL 'L-peptide linking' y VALINE                                                              ?         'C5 H11 N O2'    117.146 
# 
_exptl.entry_id          3U91 
_exptl.method            'X-RAY DIFFRACTION' 
_exptl.crystals_number   1 
# 
_exptl_crystal.id                    1 
_exptl_crystal.density_meas          ? 
_exptl_crystal.density_Matthews      3.17 
_exptl_crystal.density_percent_sol   61.24 
_exptl_crystal.description           ? 
_exptl_crystal.F_000                 ? 
_exptl_crystal.preparation           ? 
# 
_exptl_crystal_grow.crystal_id      1 
_exptl_crystal_grow.method          'VAPOR DIFFUSION, HANGING DROP' 
_exptl_crystal_grow.temp            298 
_exptl_crystal_grow.temp_details    ? 
_exptl_crystal_grow.pH              6.0 
_exptl_crystal_grow.pdbx_pH_range   ? 
_exptl_crystal_grow.pdbx_details    
'20% Jeffamine M600, 0.1M MES, 25mM Cesium Chloride, pH 6.0, VAPOR DIFFUSION, HANGING DROP, temperature 298K' 
# 
_diffrn.id                     1 
_diffrn.ambient_temp           100 
_diffrn.ambient_temp_details   ? 
_diffrn.crystal_id             1 
# 
_diffrn_detector.diffrn_id              1 
_diffrn_detector.detector               CCD 
_diffrn_detector.type                   'ADSC QUANTUM 4' 
_diffrn_detector.pdbx_collection_date   2005-06-25 
_diffrn_detector.details                ? 
# 
_diffrn_radiation.diffrn_id                        1 
_diffrn_radiation.wavelength_id                    1 
_diffrn_radiation.pdbx_monochromatic_or_laue_m_l   M 
_diffrn_radiation.monochromator                    ? 
_diffrn_radiation.pdbx_diffrn_protocol             'SINGLE WAVELENGTH' 
_diffrn_radiation.pdbx_scattering_type             x-ray 
# 
_diffrn_radiation_wavelength.id           1 
_diffrn_radiation_wavelength.wavelength   0.9676 
_diffrn_radiation_wavelength.wt           1.0 
# 
_diffrn_source.diffrn_id                   1 
_diffrn_source.source                      SYNCHROTRON 
_diffrn_source.type                        'NSLS BEAMLINE X4A' 
_diffrn_source.pdbx_synchrotron_site       NSLS 
_diffrn_source.pdbx_synchrotron_beamline   X4A 
_diffrn_source.pdbx_wavelength             ? 
_diffrn_source.pdbx_wavelength_list        0.9676 
# 
_reflns.pdbx_diffrn_id               1 
_reflns.pdbx_ordinal                 1 
_reflns.entry_id                     3U91 
_reflns.observed_criterion_sigma_I   ? 
_reflns.observed_criterion_sigma_F   ? 
_reflns.d_resolution_low             42.14 
_reflns.d_resolution_high            1.45 
_reflns.number_obs                   9173 
_reflns.number_all                   ? 
_reflns.percent_possible_obs         99.8 
_reflns.pdbx_Rmerge_I_obs            0.065 
_reflns.pdbx_Rsym_value              ? 
_reflns.pdbx_netI_over_sigmaI        9.1 
_reflns.B_iso_Wilson_estimate        ? 
_reflns.pdbx_redundancy              8.8 
_reflns.R_free_details               ? 
_reflns.limit_h_max                  ? 
_reflns.limit_h_min                  ? 
_reflns.limit_k_max                  ? 
_reflns.limit_k_min                  ? 
_reflns.limit_l_max                  ? 
_reflns.limit_l_min                  ? 
_reflns.observed_criterion_F_max     ? 
_reflns.observed_criterion_F_min     ? 
_reflns.pdbx_chi_squared             ? 
_reflns.pdbx_scaling_rejects         ? 
# 
_reflns_shell.pdbx_diffrn_id         1 
_reflns_shell.pdbx_ordinal           1 
_reflns_shell.d_res_high             1.45 
_reflns_shell.d_res_low              1.50 
_reflns_shell.percent_possible_all   99.8 
_reflns_shell.Rmerge_I_obs           ? 
_reflns_shell.pdbx_Rsym_value        0.467 
_reflns_shell.meanI_over_sigI_obs    6.4 
_reflns_shell.pdbx_redundancy        8.8 
_reflns_shell.percent_possible_obs   ? 
_reflns_shell.number_unique_all      ? 
_reflns_shell.number_measured_all    ? 
_reflns_shell.number_measured_obs    ? 
_reflns_shell.number_unique_obs      ? 
_reflns_shell.pdbx_chi_squared       ? 
# 
_refine.pdbx_refine_id                           'X-RAY DIFFRACTION' 
_refine.entry_id                                 3U91 
_refine.pdbx_diffrn_id                           1 
_refine.pdbx_TLS_residual_ADP_flag               ? 
_refine.ls_number_reflns_obs                     8256 
_refine.ls_number_reflns_all                     9173 
_refine.pdbx_ls_sigma_I                          ? 
_refine.pdbx_ls_sigma_F                          . 
_refine.pdbx_data_cutoff_high_absF               ? 
_refine.pdbx_data_cutoff_low_absF                ? 
_refine.pdbx_data_cutoff_high_rms_absF           ? 
_refine.ls_d_res_low                             42.14 
_refine.ls_d_res_high                            1.45 
_refine.ls_percent_reflns_obs                    99.85 
_refine.ls_R_factor_obs                          0.19585 
_refine.ls_R_factor_all                          ? 
_refine.ls_R_factor_R_work                       0.19191 
_refine.ls_R_factor_R_free                       0.23341 
_refine.ls_R_factor_R_free_error                 ? 
_refine.ls_R_factor_R_free_error_details         ? 
_refine.ls_percent_reflns_R_free                 10.0 
_refine.ls_number_reflns_R_free                  917 
_refine.ls_number_parameters                     ? 
_refine.ls_number_restraints                     ? 
_refine.occupancy_min                            ? 
_refine.occupancy_max                            ? 
_refine.correlation_coeff_Fo_to_Fc               0.956 
_refine.correlation_coeff_Fo_to_Fc_free          0.928 
_refine.B_iso_mean                               26.142 
_refine.aniso_B[1][1]                            0.62 
_refine.aniso_B[2][2]                            0.62 
_refine.aniso_B[3][3]                            -0.93 
_refine.aniso_B[1][2]                            0.31 
_refine.aniso_B[1][3]                            0.00 
_refine.aniso_B[2][3]                            0.00 
_refine.solvent_model_details                    'BABINET MODEL WITH MASK' 
_refine.solvent_model_param_ksol                 ? 
_refine.solvent_model_param_bsol                 ? 
_refine.pdbx_solvent_vdw_probe_radii             1.20 
_refine.pdbx_solvent_ion_probe_radii             0.80 
_refine.pdbx_solvent_shrinkage_radii             0.80 
_refine.pdbx_ls_cross_valid_method               THROUGHOUT 
_refine.details                                  'HYDROGENS HAVE BEEN ADDED IN THE RIDING POSITIONS' 
_refine.pdbx_starting_model                      'PDB ENTRY 1AIK' 
_refine.pdbx_method_to_determine_struct          'MOLECULAR REPLACEMENT' 
_refine.pdbx_isotropic_thermal_model             Isotropic 
_refine.pdbx_stereochemistry_target_values       'MAXIMUM LIKELIHOOD' 
_refine.pdbx_stereochem_target_val_spec_case     ? 
_refine.pdbx_R_Free_selection_details            RANDOM 
_refine.pdbx_overall_ESU_R                       0.061 
_refine.pdbx_overall_ESU_R_Free                  0.069 
_refine.overall_SU_ML                            0.037 
_refine.pdbx_overall_phase_error                 ? 
_refine.overall_SU_B                             1.818 
_refine.overall_SU_R_Cruickshank_DPI             ? 
_refine.pdbx_overall_SU_R_free_Cruickshank_DPI   ? 
_refine.pdbx_overall_SU_R_Blow_DPI               ? 
_refine.pdbx_overall_SU_R_free_Blow_DPI          ? 
_refine.ls_redundancy_reflns_obs                 ? 
_refine.B_iso_min                                ? 
_refine.B_iso_max                                ? 
_refine.overall_SU_R_free                        ? 
_refine.ls_wR_factor_R_free                      ? 
_refine.ls_wR_factor_R_work                      ? 
_refine.overall_FOM_free_R_set                   ? 
_refine.overall_FOM_work_R_set                   ? 
# 
_refine_hist.pdbx_refine_id                   'X-RAY DIFFRACTION' 
_refine_hist.cycle_id                         LAST 
_refine_hist.pdbx_number_atoms_protein        255 
_refine_hist.pdbx_number_atoms_nucleic_acid   0 
_refine_hist.pdbx_number_atoms_ligand         13 
_refine_hist.number_atoms_solvent             48 
_refine_hist.number_atoms_total               316 
_refine_hist.d_res_high                       1.45 
_refine_hist.d_res_low                        42.14 
# 
loop_
_refine_ls_restr.type 
_refine_ls_restr.dev_ideal 
_refine_ls_restr.dev_ideal_target 
_refine_ls_restr.weight 
_refine_ls_restr.number 
_refine_ls_restr.pdbx_refine_id 
_refine_ls_restr.pdbx_restraint_function 
r_bond_refined_d             0.009  0.022  ? 270 'X-RAY DIFFRACTION' ? 
r_bond_other_d               ?      ?      ? ?   'X-RAY DIFFRACTION' ? 
r_angle_refined_deg          1.138  2.010  ? 362 'X-RAY DIFFRACTION' ? 
r_angle_other_deg            ?      ?      ? ?   'X-RAY DIFFRACTION' ? 
r_dihedral_angle_1_deg       4.226  5.000  ? 29  'X-RAY DIFFRACTION' ? 
r_dihedral_angle_2_deg       37.213 24.615 ? 13  'X-RAY DIFFRACTION' ? 
r_dihedral_angle_3_deg       12.035 15.000 ? 53  'X-RAY DIFFRACTION' ? 
r_dihedral_angle_4_deg       7.733  15.000 ? 2   'X-RAY DIFFRACTION' ? 
r_chiral_restr               0.073  0.200  ? 44  'X-RAY DIFFRACTION' ? 
r_gen_planes_refined         0.005  0.020  ? 186 'X-RAY DIFFRACTION' ? 
r_gen_planes_other           ?      ?      ? ?   'X-RAY DIFFRACTION' ? 
r_nbd_refined                0.206  0.200  ? 115 'X-RAY DIFFRACTION' ? 
r_nbd_other                  ?      ?      ? ?   'X-RAY DIFFRACTION' ? 
r_nbtor_refined              0.301  0.200  ? 185 'X-RAY DIFFRACTION' ? 
r_nbtor_other                ?      ?      ? ?   'X-RAY DIFFRACTION' ? 
r_xyhbond_nbd_refined        0.130  0.200  ? 20  'X-RAY DIFFRACTION' ? 
r_xyhbond_nbd_other          ?      ?      ? ?   'X-RAY DIFFRACTION' ? 
r_metal_ion_refined          ?      ?      ? ?   'X-RAY DIFFRACTION' ? 
r_metal_ion_other            ?      ?      ? ?   'X-RAY DIFFRACTION' ? 
r_symmetry_vdw_refined       0.138  0.200  ? 47  'X-RAY DIFFRACTION' ? 
r_symmetry_vdw_other         ?      ?      ? ?   'X-RAY DIFFRACTION' ? 
r_symmetry_hbond_refined     0.103  0.200  ? 11  'X-RAY DIFFRACTION' ? 
r_symmetry_hbond_other       ?      ?      ? ?   'X-RAY DIFFRACTION' ? 
r_symmetry_metal_ion_refined ?      ?      ? ?   'X-RAY DIFFRACTION' ? 
r_symmetry_metal_ion_other   ?      ?      ? ?   'X-RAY DIFFRACTION' ? 
r_mcbond_it                  0.784  1.500  ? 152 'X-RAY DIFFRACTION' ? 
r_mcbond_other               ?      ?      ? ?   'X-RAY DIFFRACTION' ? 
r_mcangle_it                 1.420  2.000  ? 239 'X-RAY DIFFRACTION' ? 
r_scbond_it                  2.362  3.000  ? 131 'X-RAY DIFFRACTION' ? 
r_scangle_it                 3.846  4.500  ? 123 'X-RAY DIFFRACTION' ? 
r_rigid_bond_restr           ?      ?      ? ?   'X-RAY DIFFRACTION' ? 
r_sphericity_free            ?      ?      ? ?   'X-RAY DIFFRACTION' ? 
r_sphericity_bonded          ?      ?      ? ?   'X-RAY DIFFRACTION' ? 
# 
_refine_ls_shell.pdbx_refine_id                   'X-RAY DIFFRACTION' 
_refine_ls_shell.pdbx_total_number_of_bins_used   20 
_refine_ls_shell.d_res_high                       1.45 
_refine_ls_shell.d_res_low                        1.489 
_refine_ls_shell.number_reflns_R_work             568 
_refine_ls_shell.R_factor_R_work                  0.202 
_refine_ls_shell.percent_reflns_obs               99.69 
_refine_ls_shell.R_factor_R_free                  0.250 
_refine_ls_shell.R_factor_R_free_error            ? 
_refine_ls_shell.percent_reflns_R_free            ? 
_refine_ls_shell.number_reflns_R_free             72 
_refine_ls_shell.number_reflns_all                ? 
_refine_ls_shell.R_factor_all                     ? 
_refine_ls_shell.redundancy_reflns_obs            ? 
_refine_ls_shell.number_reflns_obs                ? 
# 
_struct.entry_id                  3U91 
_struct.title                     'Structural Determinants of Trimerization Specificity in HIV-1 gp41 Protein' 
_struct.pdbx_model_details        ? 
_struct.pdbx_CASP_flag            ? 
_struct.pdbx_model_type_details   ? 
# 
_struct_keywords.entry_id        3U91 
_struct_keywords.pdbx_keywords   'VIRAL PROTEIN' 
_struct_keywords.text            'gp41, HIV-1, trimerization domain, oligomeric structure, VIRAL PROTEIN' 
# 
loop_
_struct_asym.id 
_struct_asym.pdbx_blank_PDB_chainid_flag 
_struct_asym.pdbx_modified 
_struct_asym.entity_id 
_struct_asym.details 
A N N 1 ? 
B N N 2 ? 
C N N 3 ? 
# 
_struct_biol.id        1 
_struct_biol.details   ? 
# 
_struct_conf.conf_type_id            HELX_P 
_struct_conf.id                      HELX_P1 
_struct_conf.pdbx_PDB_helix_id       1 
_struct_conf.beg_label_comp_id       HIS 
_struct_conf.beg_label_asym_id       A 
_struct_conf.beg_label_seq_id        5 
_struct_conf.pdbx_beg_PDB_ins_code   ? 
_struct_conf.end_label_comp_id       GLN 
_struct_conf.end_label_asym_id       A 
_struct_conf.end_label_seq_id        31 
_struct_conf.pdbx_end_PDB_ins_code   ? 
_struct_conf.beg_auth_comp_id        HIS 
_struct_conf.beg_auth_asym_id        A 
_struct_conf.beg_auth_seq_id         5 
_struct_conf.end_auth_comp_id        GLN 
_struct_conf.end_auth_asym_id        A 
_struct_conf.end_auth_seq_id         31 
_struct_conf.pdbx_PDB_helix_class    1 
_struct_conf.details                 ? 
_struct_conf.pdbx_PDB_helix_length   27 
# 
_struct_conf_type.id          HELX_P 
_struct_conf_type.criteria    ? 
_struct_conf_type.reference   ? 
# 
_struct_site.id                   AC1 
_struct_site.pdbx_evidence_code   Software 
_struct_site.pdbx_auth_asym_id    A 
_struct_site.pdbx_auth_comp_id    JEF 
_struct_site.pdbx_auth_seq_id     34 
_struct_site.pdbx_auth_ins_code   ? 
_struct_site.pdbx_num_residues    6 
_struct_site.details              'BINDING SITE FOR RESIDUE JEF A 34' 
# 
loop_
_struct_site_gen.id 
_struct_site_gen.site_id 
_struct_site_gen.pdbx_num_res 
_struct_site_gen.label_comp_id 
_struct_site_gen.label_asym_id 
_struct_site_gen.label_seq_id 
_struct_site_gen.pdbx_auth_ins_code 
_struct_site_gen.auth_comp_id 
_struct_site_gen.auth_asym_id 
_struct_site_gen.auth_seq_id 
_struct_site_gen.label_atom_id 
_struct_site_gen.label_alt_id 
_struct_site_gen.symmetry 
_struct_site_gen.details 
1 AC1 6 GLU A 25 ? GLU A 25 . ? 2_565 ? 
2 AC1 6 TYR A 27 ? TYR A 27 . ? 1_555 ? 
3 AC1 6 LEU A 28 ? LEU A 28 . ? 2_565 ? 
4 AC1 6 LYS A 29 ? LYS A 29 . ? 2_565 ? 
5 AC1 6 LEU A 33 ? LEU A 33 . ? 2_565 ? 
6 AC1 6 HOH C .  ? HOH A 41 . ? 1_555 ? 
# 
_atom_sites.entry_id                    3U91 
_atom_sites.fract_transf_matrix[1][1]   0.02458443 
_atom_sites.fract_transf_matrix[1][2]   0.00353061 
_atom_sites.fract_transf_matrix[1][3]   0.00571436 
_atom_sites.fract_transf_matrix[2][1]   0.00834211 
_atom_sites.fract_transf_matrix[2][2]   -0.00441745 
_atom_sites.fract_transf_matrix[2][3]   0.02367343 
_atom_sites.fract_transf_matrix[3][1]   0.00458881 
_atom_sites.fract_transf_matrix[3][2]   -0.02253101 
_atom_sites.fract_transf_matrix[3][3]   -0.00582129 
_atom_sites.fract_transf_vector[1]      -0.386362 
_atom_sites.fract_transf_vector[2]      0.184644 
_atom_sites.fract_transf_vector[3]      -0.203966 
# 
loop_
_atom_type.symbol 
C 
N 
O 
# 
loop_
_atom_site.group_PDB 
_atom_site.id 
_atom_site.type_symbol 
_atom_site.label_atom_id 
_atom_site.label_alt_id 
_atom_site.label_comp_id 
_atom_site.label_asym_id 
_atom_site.label_entity_id 
_atom_site.label_seq_id 
_atom_site.pdbx_PDB_ins_code 
_atom_site.Cartn_x 
_atom_site.Cartn_y 
_atom_site.Cartn_z 
_atom_site.occupancy 
_atom_site.B_iso_or_equiv 
_atom_site.pdbx_formal_charge 
_atom_site.auth_seq_id 
_atom_site.auth_comp_id 
_atom_site.auth_asym_id 
_atom_site.auth_atom_id 
_atom_site.pdbx_PDB_model_num 
ATOM   1   N N   . GLN A 1 4  ? 5.530  20.909  2.439   1.00 40.08 ? 4  GLN A N   1 
ATOM   2   C CA  . GLN A 1 4  ? 4.768  22.040  3.032   1.00 40.00 ? 4  GLN A CA  1 
ATOM   3   C C   . GLN A 1 4  ? 3.481  21.583  3.725   1.00 36.60 ? 4  GLN A C   1 
ATOM   4   O O   . GLN A 1 4  ? 3.240  21.957  4.865   1.00 37.43 ? 4  GLN A O   1 
ATOM   5   C CB  . GLN A 1 4  ? 4.454  23.115  1.986   1.00 42.42 ? 4  GLN A CB  1 
ATOM   6   C CG  . GLN A 1 4  ? 5.460  24.231  1.913   1.00 47.46 ? 4  GLN A CG  1 
ATOM   7   C CD  . GLN A 1 4  ? 4.828  25.537  1.481   1.00 52.27 ? 4  GLN A CD  1 
ATOM   8   O OE1 . GLN A 1 4  ? 3.840  25.992  2.072   1.00 54.45 ? 4  GLN A OE1 1 
ATOM   9   N NE2 . GLN A 1 4  ? 5.399  26.161  0.456   1.00 56.22 ? 4  GLN A NE2 1 
ATOM   10  N N   . HIS A 1 5  ? 2.653  20.802  3.035   1.00 33.28 ? 5  HIS A N   1 
ATOM   11  C CA  . HIS A 1 5  ? 1.389  20.342  3.626   1.00 29.26 ? 5  HIS A CA  1 
ATOM   12  C C   . HIS A 1 5  ? 1.486  18.907  4.095   1.00 26.43 ? 5  HIS A C   1 
ATOM   13  O O   . HIS A 1 5  ? 1.163  17.948  3.375   1.00 24.72 ? 5  HIS A O   1 
ATOM   14  C CB  . HIS A 1 5  ? 0.201  20.569  2.691   1.00 29.59 ? 5  HIS A CB  1 
ATOM   15  C CG  . HIS A 1 5  ? 0.018  22.006  2.298   1.00 30.18 ? 5  HIS A CG  1 
ATOM   16  N ND1 . HIS A 1 5  ? -0.441 22.978  3.174   1.00 28.69 ? 5  HIS A ND1 1 
ATOM   17  C CD2 . HIS A 1 5  ? 0.253  22.644  1.122   1.00 34.29 ? 5  HIS A CD2 1 
ATOM   18  C CE1 . HIS A 1 5  ? -0.489 24.145  2.547   1.00 33.96 ? 5  HIS A CE1 1 
ATOM   19  N NE2 . HIS A 1 5  ? -0.075 23.968  1.300   1.00 36.34 ? 5  HIS A NE2 1 
ATOM   20  N N   . LEU A 1 6  ? 1.960  18.763  5.318   1.00 25.02 ? 6  LEU A N   1 
ATOM   21  C CA  . LEU A 1 6  ? 2.317  17.451  5.842   1.00 23.57 ? 6  LEU A CA  1 
ATOM   22  C C   . LEU A 1 6  ? 1.134  16.483  5.953   1.00 22.18 ? 6  LEU A C   1 
ATOM   23  O O   . LEU A 1 6  ? 1.294  15.290  5.741   1.00 21.42 ? 6  LEU A O   1 
ATOM   24  C CB  . LEU A 1 6  ? 3.046  17.618  7.177   1.00 25.03 ? 6  LEU A CB  1 
ATOM   25  C CG  . LEU A 1 6  ? 3.647  16.387  7.844   1.00 24.68 ? 6  LEU A CG  1 
ATOM   26  C CD1 . LEU A 1 6  ? 4.558  15.551  6.905   1.00 25.86 ? 6  LEU A CD1 1 
ATOM   27  C CD2 . LEU A 1 6  ? 4.372  16.854  9.085   1.00 26.75 ? 6  LEU A CD2 1 
ATOM   28  N N   . LEU A 1 7  ? -0.052 16.995  6.265   1.00 23.59 ? 7  LEU A N   1 
ATOM   29  C CA  . LEU A 1 7  ? -1.260 16.161  6.307   1.00 21.79 ? 7  LEU A CA  1 
ATOM   30  C C   . LEU A 1 7  ? -1.621 15.587  4.924   1.00 21.74 ? 7  LEU A C   1 
ATOM   31  O O   . LEU A 1 7  ? -2.012 14.427  4.808   1.00 21.16 ? 7  LEU A O   1 
ATOM   32  C CB  . LEU A 1 7  ? -2.431 16.938  6.952   1.00 23.79 ? 7  LEU A CB  1 
ATOM   33  C CG  . LEU A 1 7  ? -3.757 16.180  7.039   1.00 23.14 ? 7  LEU A CG  1 
ATOM   34  C CD1 . LEU A 1 7  ? -3.594 14.809  7.720   1.00 23.40 ? 7  LEU A CD1 1 
ATOM   35  C CD2 . LEU A 1 7  ? -4.768 17.039  7.763   1.00 25.12 ? 7  LEU A CD2 1 
ATOM   36  N N   . GLN A 1 8  ? -1.470 16.401  3.880   1.00 23.06 ? 8  GLN A N   1 
ATOM   37  C CA  . GLN A 1 8  ? -1.613 15.909  2.508   1.00 23.78 ? 8  GLN A CA  1 
ATOM   38  C C   . GLN A 1 8  ? -0.592 14.803  2.238   1.00 22.02 ? 8  GLN A C   1 
ATOM   39  O O   . GLN A 1 8  ? -0.909 13.772  1.632   1.00 21.49 ? 8  GLN A O   1 
ATOM   40  C CB  . GLN A 1 8  ? -1.437 17.032  1.488   1.00 25.18 ? 8  GLN A CB  1 
ATOM   41  C CG  . GLN A 1 8  ? -2.551 18.073  1.471   1.00 28.10 ? 8  GLN A CG  1 
ATOM   42  C CD  . GLN A 1 8  ? -2.256 19.226  0.522   1.00 32.03 ? 8  GLN A CD  1 
ATOM   43  O OE1 . GLN A 1 8  ? -1.556 19.050  -0.483  1.00 40.00 ? 8  GLN A OE1 1 
ATOM   44  N NE2 . GLN A 1 8  ? -2.788 20.408  0.830   1.00 35.16 ? 8  GLN A NE2 1 
ATOM   45  N N   . LEU A 1 9  ? 0.637  15.023  2.701   1.00 22.30 ? 9  LEU A N   1 
ATOM   46  C CA  . LEU A 1 9  ? 1.710  14.052  2.480   1.00 22.19 ? 9  LEU A CA  1 
ATOM   47  C C   . LEU A 1 9  ? 1.444  12.726  3.162   1.00 21.04 ? 9  LEU A C   1 
ATOM   48  O O   . LEU A 1 9  ? 1.717  11.676  2.592   1.00 20.56 ? 9  LEU A O   1 
ATOM   49  C CB  . LEU A 1 9  ? 3.064  14.619  2.897   1.00 23.51 ? 9  LEU A CB  1 
ATOM   50  C CG  . LEU A 1 9  ? 3.652  15.698  1.983   1.00 27.57 ? 9  LEU A CG  1 
ATOM   51  C CD1 . LEU A 1 9  ? 4.878  16.336  2.624   1.00 30.06 ? 9  LEU A CD1 1 
ATOM   52  C CD2 . LEU A 1 9  ? 4.001  15.108  0.617   1.00 30.90 ? 9  LEU A CD2 1 
ATOM   53  N N   . THR A 1 10 ? 0.897  12.759  4.372   1.00 20.56 ? 10 THR A N   1 
ATOM   54  C CA  . THR A 1 10 ? 0.547  11.520  5.061   1.00 20.54 ? 10 THR A CA  1 
ATOM   55  C C   . THR A 1 10 ? -0.588 10.782  4.363   1.00 20.13 ? 10 THR A C   1 
ATOM   56  O O   . THR A 1 10 ? -0.560 9.559   4.310   1.00 18.89 ? 10 THR A O   1 
ATOM   57  C CB  . THR A 1 10 ? 0.234  11.727  6.551   1.00 21.16 ? 10 THR A CB  1 
ATOM   58  O OG1 . THR A 1 10 ? -0.908 12.581  6.686   1.00 24.27 ? 10 THR A OG1 1 
ATOM   59  C CG2 . THR A 1 10 ? 1.409  12.372  7.261   1.00 22.22 ? 10 THR A CG2 1 
ATOM   60  N N   . VAL A 1 11 ? -1.559 11.502  3.797   1.00 20.94 ? 11 VAL A N   1 
ATOM   61  C CA  . VAL A 1 11 ? -2.620 10.852  2.994   1.00 21.48 ? 11 VAL A CA  1 
ATOM   62  C C   . VAL A 1 11 ? -2.010 10.078  1.829   1.00 21.17 ? 11 VAL A C   1 
ATOM   63  O O   . VAL A 1 11 ? -2.356 8.912   1.585   1.00 20.76 ? 11 VAL A O   1 
ATOM   64  C CB  . VAL A 1 11 ? -3.672 11.879  2.465   1.00 23.01 ? 11 VAL A CB  1 
ATOM   65  C CG1 . VAL A 1 11 ? -4.612 11.238  1.447   1.00 23.84 ? 11 VAL A CG1 1 
ATOM   66  C CG2 . VAL A 1 11 ? -4.461 12.471  3.606   1.00 25.18 ? 11 VAL A CG2 1 
ATOM   67  N N   . TRP A 1 12 ? -1.097 10.720  1.112   1.00 21.89 ? 12 TRP A N   1 
ATOM   68  C CA  . TRP A 1 12 ? -0.404 10.092  -0.004  1.00 22.82 ? 12 TRP A CA  1 
ATOM   69  C C   . TRP A 1 12 ? 0.431  8.897   0.477   1.00 20.34 ? 12 TRP A C   1 
ATOM   70  O O   . TRP A 1 12 ? 0.415  7.819   -0.148  1.00 19.55 ? 12 TRP A O   1 
ATOM   71  C CB  . TRP A 1 12 ? 0.469  11.130  -0.712  1.00 26.02 ? 12 TRP A CB  1 
ATOM   72  C CG  . TRP A 1 12 ? 1.326  10.560  -1.793  1.00 28.62 ? 12 TRP A CG  1 
ATOM   73  C CD1 . TRP A 1 12 ? 0.980  10.359  -3.097  1.00 32.03 ? 12 TRP A CD1 1 
ATOM   74  C CD2 . TRP A 1 12 ? 2.680  10.103  -1.660  1.00 31.01 ? 12 TRP A CD2 1 
ATOM   75  N NE1 . TRP A 1 12 ? 2.033  9.803   -3.787  1.00 33.60 ? 12 TRP A NE1 1 
ATOM   76  C CE2 . TRP A 1 12 ? 3.091  9.640   -2.929  1.00 31.74 ? 12 TRP A CE2 1 
ATOM   77  C CE3 . TRP A 1 12 ? 3.590  10.053  -0.592  1.00 32.44 ? 12 TRP A CE3 1 
ATOM   78  C CZ2 . TRP A 1 12 ? 4.371  9.125   -3.163  1.00 31.59 ? 12 TRP A CZ2 1 
ATOM   79  C CZ3 . TRP A 1 12 ? 4.863  9.537   -0.820  1.00 32.00 ? 12 TRP A CZ3 1 
ATOM   80  C CH2 . TRP A 1 12 ? 5.239  9.076   -2.098  1.00 31.09 ? 12 TRP A CH2 1 
ATOM   81  N N   . GLY A 1 13 ? 1.126  9.055   1.605   1.00 19.33 ? 13 GLY A N   1 
ATOM   82  C CA  . GLY A 1 13 ? 1.948  7.968   2.156   1.00 18.69 ? 13 GLY A CA  1 
ATOM   83  C C   . GLY A 1 13 ? 1.114  6.745   2.504   1.00 17.90 ? 13 GLY A C   1 
ATOM   84  O O   . GLY A 1 13 ? 1.521  5.611   2.249   1.00 16.66 ? 13 GLY A O   1 
ATOM   85  N N   . ILE A 1 14 ? -0.067 6.972   3.070   1.00 18.13 ? 14 ILE A N   1 
ATOM   86  C CA  . ILE A 1 14 ? -0.982 5.908   3.446   1.00 18.39 ? 14 ILE A CA  1 
ATOM   87  C C   . ILE A 1 14 ? -1.430 5.158   2.194   1.00 17.51 ? 14 ILE A C   1 
ATOM   88  O O   . ILE A 1 14 ? -1.413 3.917   2.170   1.00 16.38 ? 14 ILE A O   1 
ATOM   89  C CB  . ILE A 1 14 ? -2.164 6.464   4.284   1.00 19.33 ? 14 ILE A CB  1 
ATOM   90  C CG1 . ILE A 1 14 ? -1.673 6.762   5.704   1.00 21.57 ? 14 ILE A CG1 1 
ATOM   91  C CG2 . ILE A 1 14 ? -3.345 5.492   4.320   1.00 21.25 ? 14 ILE A CG2 1 
ATOM   92  C CD1 . ILE A 1 14 ? -2.529 7.741   6.491   1.00 24.27 ? 14 ILE A CD1 1 
ATOM   93  N N   . LYS A 1 15 ? -1.763 5.893   1.134   1.00 17.67 ? 15 LYS A N   1 
ATOM   94  C CA  . LYS A 1 15 ? -2.113 5.294   -0.169  1.00 18.30 ? 15 LYS A CA  1 
ATOM   95  C C   . LYS A 1 15 ? -0.986 4.431   -0.741  1.00 17.37 ? 15 LYS A C   1 
ATOM   96  O O   . LYS A 1 15 ? -1.238 3.332   -1.260  1.00 16.26 ? 15 LYS A O   1 
ATOM   97  C CB  . LYS A 1 15 ? -2.527 6.376   -1.172  1.00 20.33 ? 15 LYS A CB  1 
ATOM   98  C CG  . LYS A 1 15 ? -3.897 6.954   -0.875  1.00 24.21 ? 15 LYS A CG  1 
ATOM   99  C CD  . LYS A 1 15 ? -4.240 8.090   -1.821  1.00 30.21 ? 15 LYS A CD  1 
ATOM   100 C CE  . LYS A 1 15 ? -5.567 8.713   -1.449  1.00 33.24 ? 15 LYS A CE  1 
ATOM   101 N NZ  . LYS A 1 15 ? -5.715 10.064  -2.054  1.00 38.52 ? 15 LYS A NZ  1 
ATOM   102 N N   . GLN A 1 16 ? 0.257  4.892   -0.623  1.00 17.25 ? 16 GLN A N   1 
ATOM   103 C CA  . GLN A 1 16 ? 1.417  4.140   -1.108  1.00 17.96 ? 16 GLN A CA  1 
ATOM   104 C C   . GLN A 1 16 ? 1.575  2.845   -0.324  1.00 16.34 ? 16 GLN A C   1 
ATOM   105 O O   . GLN A 1 16 ? 1.809  1.784   -0.899  1.00 15.20 ? 16 GLN A O   1 
ATOM   106 C CB  . GLN A 1 16 ? 2.699  4.964   -0.960  1.00 19.81 ? 16 GLN A CB  1 
ATOM   107 C CG  . GLN A 1 16 ? 2.806  6.166   -1.900  1.00 25.41 ? 16 GLN A CG  1 
ATOM   108 C CD  . GLN A 1 16 ? 3.184  5.763   -3.312  1.00 33.25 ? 16 GLN A CD  1 
ATOM   109 O OE1 . GLN A 1 16 ? 4.320  5.338   -3.574  1.00 37.74 ? 16 GLN A OE1 1 
ATOM   110 N NE2 . GLN A 1 16 ? 2.232  5.885   -4.236  1.00 36.15 ? 16 GLN A NE2 1 
ATOM   111 N N   . LEU A 1 17 ? 1.427  2.918   0.993   1.00 15.45 ? 17 LEU A N   1 
ATOM   112 C CA  . LEU A 1 17 ? 1.525  1.722   1.827   1.00 15.23 ? 17 LEU A CA  1 
ATOM   113 C C   . LEU A 1 17 ? 0.377  0.762   1.555   1.00 14.26 ? 17 LEU A C   1 
ATOM   114 O O   . LEU A 1 17 ? 0.575  -0.461  1.545   1.00 13.24 ? 17 LEU A O   1 
ATOM   115 C CB  . LEU A 1 17 ? 1.615  2.084   3.322   1.00 16.16 ? 17 LEU A CB  1 
ATOM   116 C CG  . LEU A 1 17 ? 2.918  2.757   3.786   1.00 18.22 ? 17 LEU A CG  1 
ATOM   117 C CD1 . LEU A 1 17 ? 2.935  2.894   5.292   1.00 20.63 ? 17 LEU A CD1 1 
ATOM   118 C CD2 . LEU A 1 17 ? 4.184  2.002   3.301   1.00 19.60 ? 17 LEU A CD2 1 
ATOM   119 N N   . GLN A 1 18 ? -0.813 1.301   1.303   1.00 14.44 ? 18 GLN A N   1 
ATOM   120 C CA  . GLN A 1 18 ? -1.958 0.460   0.953   1.00 15.03 ? 18 GLN A CA  1 
ATOM   121 C C   . GLN A 1 18 ? -1.642 -0.347  -0.303  1.00 13.35 ? 18 GLN A C   1 
ATOM   122 O O   . GLN A 1 18 ? -1.955 -1.542  -0.373  1.00 13.31 ? 18 GLN A O   1 
ATOM   123 C CB  . GLN A 1 18 ? -3.188 1.320   0.711   1.00 16.25 ? 18 GLN A CB  1 
ATOM   124 C CG  . GLN A 1 18 ? -4.492 0.552   0.722   1.00 22.96 ? 18 GLN A CG  1 
ATOM   125 C CD  . GLN A 1 18 ? -5.690 1.476   0.707   1.00 28.26 ? 18 GLN A CD  1 
ATOM   126 O OE1 . GLN A 1 18 ? -6.435 1.505   -0.268  1.00 34.60 ? 18 GLN A OE1 1 
ATOM   127 N NE2 . GLN A 1 18 ? -5.866 2.263   1.772   1.00 29.84 ? 18 GLN A NE2 1 
ATOM   128 N N   . ALA A 1 19 ? -1.053 0.294   -1.317  1.00 13.26 ? 19 ALA A N   1 
ATOM   129 C CA  . ALA A 1 19 ? -0.701 -0.392  -2.564  1.00 13.20 ? 19 ALA A CA  1 
ATOM   130 C C   . ALA A 1 19 ? 0.343  -1.476  -2.285  1.00 12.96 ? 19 ALA A C   1 
ATOM   131 O O   . ALA A 1 19 ? 0.270  -2.561  -2.857  1.00 12.47 ? 19 ALA A O   1 
ATOM   132 C CB  . ALA A 1 19 ? -0.187 0.614   -3.600  1.00 14.52 ? 19 ALA A CB  1 
ATOM   133 N N   . ARG A 1 20 ? 1.299  -1.236  -1.390  1.00 11.96 ? 20 ARG A N   1 
ATOM   134 C CA  . ARG A 1 20 ? 2.296  -2.253  -1.074  1.00 11.92 ? 20 ARG A CA  1 
ATOM   135 C C   . ARG A 1 20 ? 1.675  -3.446  -0.347  1.00 10.95 ? 20 ARG A C   1 
ATOM   136 O O   . ARG A 1 20 ? 2.015  -4.582  -0.638  1.00 10.89 ? 20 ARG A O   1 
ATOM   137 C CB  . ARG A 1 20 ? 3.473  -1.722  -0.236  1.00 13.00 ? 20 ARG A CB  1 
ATOM   138 C CG  . ARG A 1 20 ? 4.511  -1.019  -1.079  1.00 16.34 ? 20 ARG A CG  1 
ATOM   139 C CD  . ARG A 1 20 ? 5.448  -0.310  -0.163  1.00 16.56 ? 20 ARG A CD  1 
ATOM   140 N NE  . ARG A 1 20 ? 6.464  -1.192  0.412   1.00 15.56 ? 20 ARG A NE  1 
ATOM   141 C CZ  . ARG A 1 20 ? 7.427  -0.731  1.211   1.00 16.44 ? 20 ARG A CZ  1 
ATOM   142 N NH1 . ARG A 1 20 ? 7.467  0.559   1.531   1.00 18.79 ? 20 ARG A NH1 1 
ATOM   143 N NH2 . ARG A 1 20 ? 8.354  -1.547  1.685   1.00 17.54 ? 20 ARG A NH2 1 
ATOM   144 N N   . ILE A 1 21 ? 0.755  -3.204  0.588   1.00 10.98 ? 21 ILE A N   1 
ATOM   145 C CA  . ILE A 1 21 ? 0.110  -4.314  1.276   1.00 11.32 ? 21 ILE A CA  1 
ATOM   146 C C   . ILE A 1 21 ? -0.750 -5.117  0.297   1.00 9.90  ? 21 ILE A C   1 
ATOM   147 O O   . ILE A 1 21 ? -0.752 -6.350  0.340   1.00 9.91  ? 21 ILE A O   1 
ATOM   148 C CB  . ILE A 1 21 ? -0.741 -3.776  2.449   1.00 13.00 ? 21 ILE A CB  1 
ATOM   149 C CG1 . ILE A 1 21 ? 0.158  -3.053  3.447   1.00 15.01 ? 21 ILE A CG1 1 
ATOM   150 C CG2 . ILE A 1 21 ? -1.560 -4.892  3.085   1.00 16.61 ? 21 ILE A CG2 1 
ATOM   151 C CD1 . ILE A 1 21 ? -0.615 -2.117  4.377   1.00 17.84 ? 21 ILE A CD1 1 
ATOM   152 N N   . LEU A 1 22 ? -1.491 -4.416  -0.561  1.00 10.03 ? 22 LEU A N   1 
ATOM   153 C CA  . LEU A 1 22 ? -2.306 -5.056  -1.580  1.00 10.02 ? 22 LEU A CA  1 
ATOM   154 C C   . LEU A 1 22 ? -1.450 -5.947  -2.484  1.00 9.72  ? 22 LEU A C   1 
ATOM   155 O O   . LEU A 1 22 ? -1.861 -7.072  -2.805  1.00 10.42 ? 22 LEU A O   1 
ATOM   156 C CB  . LEU A 1 22 ? -3.027 -3.974  -2.391  1.00 11.15 ? 22 LEU A CB  1 
ATOM   157 C CG  . LEU A 1 22 ? -3.952 -4.487  -3.502  1.00 12.30 ? 22 LEU A CG  1 
ATOM   158 C CD1 . LEU A 1 22 ? -5.041 -5.394  -2.937  1.00 14.32 ? 22 LEU A CD1 1 
ATOM   159 C CD2 . LEU A 1 22 ? -4.549 -3.292  -4.200  1.00 12.29 ? 22 LEU A CD2 1 
ATOM   160 N N   . ALA A 1 23 ? -0.269 -5.464  -2.877  1.00 10.48 ? 23 ALA A N   1 
ATOM   161 C CA  . ALA A 1 23 ? 0.617  -6.274  -3.707  1.00 10.48 ? 23 ALA A CA  1 
ATOM   162 C C   . ALA A 1 23 ? 1.022  -7.548  -2.962  1.00 10.07 ? 23 ALA A C   1 
ATOM   163 O O   . ALA A 1 23 ? 1.129  -8.633  -3.591  1.00 10.44 ? 23 ALA A O   1 
ATOM   164 C CB  . ALA A 1 23 ? 1.854  -5.482  -4.149  1.00 10.92 ? 23 ALA A CB  1 
ATOM   165 N N   . VAL A 1 24 ? 1.240  -7.452  -1.655  1.00 9.81  ? 24 VAL A N   1 
ATOM   166 C CA  . VAL A 1 24 ? 1.592  -8.645  -0.873  1.00 10.46 ? 24 VAL A CA  1 
ATOM   167 C C   . VAL A 1 24 ? 0.416  -9.612  -0.782  1.00 10.72 ? 24 VAL A C   1 
ATOM   168 O O   . VAL A 1 24 ? 0.593  -10.810 -0.952  1.00 10.92 ? 24 VAL A O   1 
ATOM   169 C CB  . VAL A 1 24 ? 2.117  -8.246  0.510   1.00 10.67 ? 24 VAL A CB  1 
ATOM   170 C CG1 . VAL A 1 24 ? 2.142  -9.456  1.446   1.00 12.38 ? 24 VAL A CG1 1 
ATOM   171 C CG2 . VAL A 1 24 ? 3.502  -7.612  0.394   1.00 13.29 ? 24 VAL A CG2 1 
ATOM   172 N N   . GLU A 1 25 ? -0.779 -9.091  -0.513  1.00 10.11 ? 25 GLU A N   1 
ATOM   173 C CA  . GLU A 1 25 ? -1.968 -9.943  -0.450  1.00 10.61 ? 25 GLU A CA  1 
ATOM   174 C C   . GLU A 1 25 ? -2.148 -10.691 -1.746  1.00 10.69 ? 25 GLU A C   1 
ATOM   175 O O   . GLU A 1 25 ? -2.428 -11.894 -1.766  1.00 11.11 ? 25 GLU A O   1 
ATOM   176 C CB  . GLU A 1 25 ? -3.204 -9.096  -0.140  1.00 10.56 ? 25 GLU A CB  1 
ATOM   177 C CG  . GLU A 1 25 ? -3.200 -8.507  1.258   1.00 11.32 ? 25 GLU A CG  1 
ATOM   178 C CD  . GLU A 1 25 ? -4.212 -7.391  1.452   1.00 11.96 ? 25 GLU A CD  1 
ATOM   179 O OE1 . GLU A 1 25 ? -4.742 -6.841  0.469   1.00 13.83 ? 25 GLU A OE1 1 
ATOM   180 O OE2 . GLU A 1 25 ? -4.430 -7.019  2.615   1.00 12.25 ? 25 GLU A OE2 1 
ATOM   181 N N   . ARG A 1 26 ? -2.012 -9.975  -2.851  1.00 10.34 ? 26 ARG A N   1 
ATOM   182 C CA  . ARG A 1 26 ? -2.170 -10.569 -4.180  1.00 10.31 ? 26 ARG A CA  1 
ATOM   183 C C   . ARG A 1 26 ? -1.085 -11.582 -4.471  1.00 11.12 ? 26 ARG A C   1 
ATOM   184 O O   . ARG A 1 26 ? -1.352 -12.620 -5.110  1.00 11.47 ? 26 ARG A O   1 
ATOM   185 C CB  . ARG A 1 26 ? -2.147 -9.498  -5.261  1.00 10.89 ? 26 ARG A CB  1 
ATOM   186 C CG  . ARG A 1 26 ? -3.435 -8.681  -5.282  1.00 10.85 ? 26 ARG A CG  1 
ATOM   187 C CD  . ARG A 1 26 ? -3.258 -7.451  -6.152  1.00 11.76 ? 26 ARG A CD  1 
ATOM   188 N NE  . ARG A 1 26 ? -4.536 -6.801  -6.418  1.00 12.42 ? 26 ARG A NE  1 
ATOM   189 C CZ  . ARG A 1 26 ? -4.650 -5.601  -6.979  1.00 13.57 ? 26 ARG A CZ  1 
ATOM   190 N NH1 . ARG A 1 26 ? -3.561 -4.911  -7.300  1.00 13.96 ? 26 ARG A NH1 1 
ATOM   191 N NH2 . ARG A 1 26 ? -5.854 -5.078  -7.209  1.00 14.38 ? 26 ARG A NH2 1 
ATOM   192 N N   . TYR A 1 27 ? 0.136  -11.314 -4.013  1.00 10.02 ? 27 TYR A N   1 
ATOM   193 C CA  . TYR A 1 27 ? 1.251  -12.246 -4.233  1.00 10.68 ? 27 TYR A CA  1 
ATOM   194 C C   . TYR A 1 27 ? 0.969  -13.582 -3.542  1.00 10.12 ? 27 TYR A C   1 
ATOM   195 O O   . TYR A 1 27 ? 1.207  -14.668 -4.108  1.00 11.22 ? 27 TYR A O   1 
ATOM   196 C CB  . TYR A 1 27 ? 2.556  -11.626 -3.698  1.00 10.99 ? 27 TYR A CB  1 
ATOM   197 C CG  . TYR A 1 27 ? 3.796  -12.388 -4.100  1.00 11.32 ? 27 TYR A CG  1 
ATOM   198 C CD1 . TYR A 1 27 ? 4.391  -12.162 -5.336  1.00 13.67 ? 27 TYR A CD1 1 
ATOM   199 C CD2 . TYR A 1 27 ? 4.394  -13.308 -3.241  1.00 11.09 ? 27 TYR A CD2 1 
ATOM   200 C CE1 . TYR A 1 27 ? 5.539  -12.861 -5.735  1.00 14.29 ? 27 TYR A CE1 1 
ATOM   201 C CE2 . TYR A 1 27 ? 5.549  -14.008 -3.628  1.00 12.49 ? 27 TYR A CE2 1 
ATOM   202 C CZ  . TYR A 1 27 ? 6.106  -13.771 -4.870  1.00 13.52 ? 27 TYR A CZ  1 
ATOM   203 O OH  . TYR A 1 27 ? 7.232  -14.443 -5.282  1.00 15.63 ? 27 TYR A OH  1 
ATOM   204 N N   . LEU A 1 28 ? 0.482  -13.509 -2.307  1.00 10.66 ? 28 LEU A N   1 
ATOM   205 C CA  . LEU A 1 28 ? 0.152  -14.729 -1.563  1.00 10.86 ? 28 LEU A CA  1 
ATOM   206 C C   . LEU A 1 28 ? -0.914 -15.520 -2.311  1.00 11.31 ? 28 LEU A C   1 
ATOM   207 O O   . LEU A 1 28 ? -0.821 -16.746 -2.446  1.00 11.88 ? 28 LEU A O   1 
ATOM   208 C CB  . LEU A 1 28 ? -0.311 -14.360 -0.149  1.00 11.53 ? 28 LEU A CB  1 
ATOM   209 C CG  . LEU A 1 28 ? 0.783  -13.759 0.735   1.00 13.82 ? 28 LEU A CG  1 
ATOM   210 C CD1 . LEU A 1 28 ? 0.140  -13.278 2.038   1.00 15.98 ? 28 LEU A CD1 1 
ATOM   211 C CD2 . LEU A 1 28 ? 1.894  -14.756 0.987   1.00 16.82 ? 28 LEU A CD2 1 
ATOM   212 N N   . LYS A 1 29 ? -1.930 -14.827 -2.798  1.00 11.28 ? 29 LYS A N   1 
ATOM   213 C CA  . LYS A 1 29 ? -2.982 -15.484 -3.571  1.00 12.41 ? 29 LYS A CA  1 
ATOM   214 C C   . LYS A 1 29 ? -2.416 -16.123 -4.848  1.00 12.07 ? 29 LYS A C   1 
ATOM   215 O O   . LYS A 1 29 ? -2.696 -17.296 -5.156  1.00 13.26 ? 29 LYS A O   1 
ATOM   216 C CB  . LYS A 1 29 ? -4.106 -14.486 -3.891  1.00 12.66 ? 29 LYS A CB  1 
ATOM   217 C CG  . LYS A 1 29 ? -5.258 -15.088 -4.720  1.00 15.15 ? 29 LYS A CG  1 
ATOM   218 C CD  . LYS A 1 29 ? -6.304 -14.017 -5.013  1.00 17.58 ? 29 LYS A CD  1 
ATOM   219 C CE  . LYS A 1 29 ? -7.530 -14.587 -5.711  1.00 23.71 ? 29 LYS A CE  1 
ATOM   220 N NZ  . LYS A 1 29 ? -8.505 -13.483 -5.983  1.00 28.85 ? 29 LYS A NZ  1 
ATOM   221 N N   . ASP A 1 30 ? -1.646 -15.343 -5.605  1.00 12.08 ? 30 ASP A N   1 
ATOM   222 C CA  . ASP A 1 30 ? -1.151 -15.784 -6.907  1.00 12.60 ? 30 ASP A CA  1 
ATOM   223 C C   . ASP A 1 30 ? -0.167 -16.940 -6.792  1.00 12.56 ? 30 ASP A C   1 
ATOM   224 O O   . ASP A 1 30 ? -0.129 -17.802 -7.669  1.00 14.49 ? 30 ASP A O   1 
ATOM   225 C CB  . ASP A 1 30 ? -0.481 -14.613 -7.615  1.00 12.45 ? 30 ASP A CB  1 
ATOM   226 C CG  . ASP A 1 30 ? -1.457 -13.485 -7.955  1.00 14.27 ? 30 ASP A CG  1 
ATOM   227 O OD1 . ASP A 1 30 ? -2.692 -13.621 -7.811  1.00 14.13 ? 30 ASP A OD1 1 
ATOM   228 O OD2 . ASP A 1 30 ? -0.953 -12.457 -8.399  1.00 14.36 ? 30 ASP A OD2 1 
ATOM   229 N N   . GLN A 1 31 ? 0.625  -16.945 -5.727  1.00 12.08 ? 31 GLN A N   1 
ATOM   230 C CA  . GLN A 1 31 ? 1.589  -18.027 -5.487  1.00 12.56 ? 31 GLN A CA  1 
ATOM   231 C C   . GLN A 1 31 ? 0.960  -19.193 -4.731  1.00 13.33 ? 31 GLN A C   1 
ATOM   232 O O   . GLN A 1 31 ? 1.635  -20.219 -4.485  1.00 12.72 ? 31 GLN A O   1 
ATOM   233 C CB  . GLN A 1 31 ? 2.830  -17.500 -4.773  1.00 13.05 ? 31 GLN A CB  1 
ATOM   234 C CG  . GLN A 1 31 ? 3.634  -16.493 -5.598  1.00 13.86 ? 31 GLN A CG  1 
ATOM   235 C CD  . GLN A 1 31 ? 4.107  -17.059 -6.930  1.00 15.16 ? 31 GLN A CD  1 
ATOM   236 O OE1 . GLN A 1 31 ? 4.491  -18.234 -7.038  1.00 16.21 ? 31 GLN A OE1 1 
ATOM   237 N NE2 . GLN A 1 31 ? 4.107  -16.206 -7.960  1.00 17.18 ? 31 GLN A NE2 1 
ATOM   238 N N   . GLN A 1 32 ? -0.326 -19.055 -4.392  1.00 12.85 ? 32 GLN A N   1 
ATOM   239 C CA  . GLN A 1 32 ? -1.137 -20.140 -3.807  1.00 13.99 ? 32 GLN A CA  1 
ATOM   240 C C   . GLN A 1 32 ? -0.660 -20.608 -2.442  1.00 13.95 ? 32 GLN A C   1 
ATOM   241 O O   . GLN A 1 32 ? -0.790 -21.784 -2.111  1.00 15.86 ? 32 GLN A O   1 
ATOM   242 C CB  . GLN A 1 32 ? -1.305 -21.314 -4.781  1.00 15.96 ? 32 GLN A CB  1 
ATOM   243 C CG  . GLN A 1 32 ? -1.840 -20.934 -6.135  1.00 19.91 ? 32 GLN A CG  1 
ATOM   244 C CD  . GLN A 1 32 ? -1.766 -22.114 -7.074  1.00 25.91 ? 32 GLN A CD  1 
ATOM   245 O OE1 . GLN A 1 32 ? -1.087 -22.064 -8.095  1.00 31.97 ? 32 GLN A OE1 1 
ATOM   246 N NE2 . GLN A 1 32 ? -2.399 -23.209 -6.696  1.00 29.31 ? 32 GLN A NE2 1 
ATOM   247 N N   . LEU A 1 33 ? -0.114 -19.705 -1.626  1.00 13.29 ? 33 LEU A N   1 
ATOM   248 C CA  . LEU A 1 33 ? 0.137  -20.055 -0.231  1.00 14.20 ? 33 LEU A CA  1 
ATOM   249 C C   . LEU A 1 33 ? -1.167 -20.107 0.551   1.00 14.82 ? 33 LEU A C   1 
ATOM   250 O O   . LEU A 1 33 ? -1.406 -21.062 1.299   1.00 16.21 ? 33 LEU A O   1 
ATOM   251 C CB  . LEU A 1 33 ? 1.095  -19.075 0.442   1.00 14.61 ? 33 LEU A CB  1 
ATOM   252 C CG  . LEU A 1 33 ? 1.541  -19.472 1.866   1.00 14.83 ? 33 LEU A CG  1 
ATOM   253 C CD1 . LEU A 1 33 ? 2.515  -20.650 1.875   1.00 16.31 ? 33 LEU A CD1 1 
ATOM   254 C CD2 . LEU A 1 33 ? 2.164  -18.296 2.629   1.00 16.06 ? 33 LEU A CD2 1 
ATOM   255 O OXT . LEU A 1 33 ? -1.984 -19.190 0.393   1.00 15.52 ? 33 LEU A OXT 1 
HETATM 256 C C20 . JEF B 2 .  ? 11.414 -10.610 -4.355  1.00 46.50 ? 34 JEF A C20 1 
HETATM 257 O O   . JEF B 2 .  ? 10.200 -11.294 -4.658  1.00 46.22 ? 34 JEF A O   1 
HETATM 258 C C   . JEF B 2 .  ? 9.287  -11.325 -3.563  1.00 44.96 ? 34 JEF A C   1 
HETATM 259 C C18 . JEF B 2 .  ? 9.068  -12.774 -3.166  1.00 44.48 ? 34 JEF A C18 1 
HETATM 260 C C17 . JEF B 2 .  ? 7.975  -10.680 -3.976  1.00 44.32 ? 34 JEF A C17 1 
HETATM 261 O OH  . JEF B 2 .  ? 7.234  -10.216 -2.846  1.00 44.19 ? 34 JEF A OH  1 
HETATM 262 C C2  . JEF B 2 .  ? 6.689  -8.885  -2.954  1.00 43.52 ? 34 JEF A C2  1 
HETATM 263 C C1  . JEF B 2 .  ? 5.162  -8.912  -3.002  1.00 42.47 ? 34 JEF A C1  1 
HETATM 264 C C3  . JEF B 2 .  ? 7.236  -8.117  -4.149  1.00 43.85 ? 34 JEF A C3  1 
HETATM 265 O O2  . JEF B 2 .  ? 7.186  -6.719  -3.877  1.00 44.39 ? 34 JEF A O2  1 
HETATM 266 C C5  . JEF B 2 .  ? 8.434  -6.076  -4.137  1.00 44.02 ? 34 JEF A C5  1 
HETATM 267 C C6  . JEF B 2 .  ? 8.312  -5.223  -5.396  1.00 44.28 ? 34 JEF A C6  1 
HETATM 268 C C4  . JEF B 2 .  ? 8.811  -5.216  -2.942  1.00 44.11 ? 34 JEF A C4  1 
HETATM 269 O O   . HOH C 3 .  ? 5.958  -9.725  -7.938  1.00 46.03 ? 35 HOH A O   1 
HETATM 270 O O   . HOH C 3 .  ? 2.161  3.299   -5.132  1.00 35.78 ? 36 HOH A O   1 
HETATM 271 O O   . HOH C 3 .  ? -9.155 -16.022 -8.609  1.00 42.11 ? 37 HOH A O   1 
HETATM 272 O O   . HOH C 3 .  ? -5.165 17.813  2.462   1.00 38.46 ? 38 HOH A O   1 
HETATM 273 O O   . HOH C 3 .  ? -5.242 -12.199 -0.999  1.00 42.23 ? 39 HOH A O   1 
HETATM 274 O O   . HOH C 3 .  ? -4.438 0.095   -2.416  1.00 36.34 ? 40 HOH A O   1 
HETATM 275 O O   . HOH C 3 .  ? 8.537  -10.196 -6.712  1.00 38.14 ? 41 HOH A O   1 
HETATM 276 O O   . HOH C 3 .  ? 1.076  -20.364 -8.798  1.00 40.47 ? 42 HOH A O   1 
HETATM 277 O O   . HOH C 3 .  ? 8.519  -12.408 -8.075  1.00 40.33 ? 43 HOH A O   1 
HETATM 278 O O   . HOH C 3 .  ? -1.251 -17.953 -10.294 1.00 43.57 ? 44 HOH A O   1 
HETATM 279 O O   . HOH C 3 .  ? -7.459 -6.418  0.830   1.00 42.33 ? 45 HOH A O   1 
HETATM 280 O O   . HOH C 3 .  ? -7.075 4.539   3.793   1.00 53.97 ? 46 HOH A O   1 
HETATM 281 O O   . HOH C 3 .  ? -8.152 -6.911  3.383   1.00 48.92 ? 47 HOH A O   1 
HETATM 282 O O   . HOH C 3 .  ? -6.014 -10.419 -3.072  1.00 43.03 ? 48 HOH A O   1 
HETATM 283 O O   . HOH C 3 .  ? -7.133 -8.046  -5.743  1.00 39.74 ? 49 HOH A O   1 
HETATM 284 O O   . HOH C 3 .  ? -4.422 -8.458  4.875   1.00 12.88 ? 50 HOH A O   1 
HETATM 285 O O   . HOH C 3 .  ? 4.148  -20.604 -5.693  1.00 16.48 ? 51 HOH A O   1 
HETATM 286 O O   . HOH C 3 .  ? -0.346 -2.735  -5.530  1.00 15.55 ? 52 HOH A O   1 
HETATM 287 O O   . HOH C 3 .  ? -0.798 -5.210  -6.718  1.00 18.01 ? 53 HOH A O   1 
HETATM 288 O O   . HOH C 3 .  ? 10.344 0.745   2.697   1.00 21.10 ? 54 HOH A O   1 
HETATM 289 O O   . HOH C 3 .  ? 1.880  -8.969  -6.270  1.00 19.46 ? 55 HOH A O   1 
HETATM 290 O O   . HOH C 3 .  ? -0.085 -23.453 1.312   1.00 17.36 ? 56 HOH A O   1 
HETATM 291 O O   . HOH C 3 .  ? 3.305  -13.489 -8.525  1.00 19.79 ? 57 HOH A O   1 
HETATM 292 O O   . HOH C 3 .  ? -0.227 -13.149 -11.004 1.00 18.10 ? 58 HOH A O   1 
HETATM 293 O O   . HOH C 3 .  ? 1.517  -11.469 -7.677  1.00 18.45 ? 59 HOH A O   1 
HETATM 294 O O   . HOH C 3 .  ? 5.465  2.806   1.135   1.00 20.14 ? 60 HOH A O   1 
HETATM 295 O O   . HOH C 3 .  ? -4.730 -18.764 -3.856  1.00 23.64 ? 61 HOH A O   1 
HETATM 296 O O   . HOH C 3 .  ? -4.546 -15.368 -8.802  1.00 22.74 ? 62 HOH A O   1 
HETATM 297 O O   . HOH C 3 .  ? 4.924  -3.419  -4.084  1.00 22.07 ? 63 HOH A O   1 
HETATM 298 O O   . HOH C 3 .  ? 3.204  1.616   -3.262  1.00 24.18 ? 64 HOH A O   1 
HETATM 299 O O   . HOH C 3 .  ? 3.258  -1.099  -4.432  1.00 24.78 ? 65 HOH A O   1 
HETATM 300 O O   . HOH C 3 .  ? 2.582  24.168  5.608   1.00 24.90 ? 66 HOH A O   1 
HETATM 301 O O   . HOH C 3 .  ? -1.728 12.213  9.169   0.33 31.01 ? 67 HOH A O   1 
HETATM 302 O O   . HOH C 3 .  ? -3.606 2.679   -2.701  1.00 25.48 ? 68 HOH A O   1 
HETATM 303 O O   . HOH C 3 .  ? 1.862  -1.862  -6.560  1.00 27.85 ? 69 HOH A O   1 
HETATM 304 O O   . HOH C 3 .  ? 5.010  -5.202  -6.302  1.00 30.03 ? 70 HOH A O   1 
HETATM 305 O O   . HOH C 3 .  ? 2.269  -14.185 -10.940 1.00 26.46 ? 71 HOH A O   1 
HETATM 306 O O   . HOH C 3 .  ? -3.070 23.147  -0.452  1.00 30.46 ? 72 HOH A O   1 
HETATM 307 O O   . HOH C 3 .  ? -6.432 -8.245  -1.442  1.00 31.19 ? 73 HOH A O   1 
HETATM 308 O O   . HOH C 3 .  ? -8.302 -5.812  -5.565  1.00 35.67 ? 74 HOH A O   1 
HETATM 309 O O   . HOH C 3 .  ? 3.020  -4.811  -8.043  1.00 41.39 ? 75 HOH A O   1 
HETATM 310 O O   . HOH C 3 .  ? 4.354  5.485   2.221   1.00 36.06 ? 76 HOH A O   1 
HETATM 311 O O   . HOH C 3 .  ? -7.055 -14.400 -9.515  1.00 34.88 ? 77 HOH A O   1 
HETATM 312 O O   . HOH C 3 .  ? 4.580  -8.043  -6.460  1.00 32.86 ? 78 HOH A O   1 
HETATM 313 O O   . HOH C 3 .  ? 5.795  -12.631 -9.502  1.00 42.90 ? 79 HOH A O   1 
HETATM 314 O O   . HOH C 3 .  ? -4.199 0.201   -4.858  1.00 37.16 ? 80 HOH A O   1 
HETATM 315 O O   . HOH C 3 .  ? 1.046  -6.707  -7.780  1.00 29.70 ? 81 HOH A O   1 
HETATM 316 O O   . HOH C 3 .  ? -4.627 -17.891 -7.635  1.00 34.97 ? 82 HOH A O   1 
# 
loop_
_atom_site_anisotrop.id 
_atom_site_anisotrop.type_symbol 
_atom_site_anisotrop.pdbx_label_atom_id 
_atom_site_anisotrop.pdbx_label_alt_id 
_atom_site_anisotrop.pdbx_label_comp_id 
_atom_site_anisotrop.pdbx_label_asym_id 
_atom_site_anisotrop.pdbx_label_seq_id 
_atom_site_anisotrop.pdbx_PDB_ins_code 
_atom_site_anisotrop.U[1][1] 
_atom_site_anisotrop.U[2][2] 
_atom_site_anisotrop.U[3][3] 
_atom_site_anisotrop.U[1][2] 
_atom_site_anisotrop.U[1][3] 
_atom_site_anisotrop.U[2][3] 
_atom_site_anisotrop.pdbx_auth_seq_id 
_atom_site_anisotrop.pdbx_auth_comp_id 
_atom_site_anisotrop.pdbx_auth_asym_id 
_atom_site_anisotrop.pdbx_auth_atom_id 
1   N N   . GLN A 4  ? 0.6830 0.2364 0.6035 -0.0612 0.0306  -0.0866 4  GLN A N   
2   C CA  . GLN A 4  ? 0.6929 0.2251 0.6020 -0.0509 0.0173  -0.0924 4  GLN A CA  
3   C C   . GLN A 4  ? 0.6424 0.2008 0.5475 -0.0292 -0.0022 -0.0943 4  GLN A C   
4   O O   . GLN A 4  ? 0.6429 0.2169 0.5622 -0.0236 -0.0125 -0.1071 4  GLN A O   
5   C CB  . GLN A 4  ? 0.7591 0.2258 0.6271 -0.0514 0.0242  -0.0819 4  GLN A CB  
6   C CG  . GLN A 4  ? 0.8318 0.2644 0.7069 -0.0711 0.0401  -0.0875 4  GLN A CG  
7   C CD  . GLN A 4  ? 0.9270 0.2966 0.7622 -0.0648 0.0366  -0.0823 4  GLN A CD  
8   O OE1 . GLN A 4  ? 0.9562 0.3259 0.7865 -0.0468 0.0164  -0.0872 4  GLN A OE1 
9   N NE2 . GLN A 4  ? 1.0062 0.3181 0.8116 -0.0800 0.0576  -0.0732 4  GLN A NE2 
10  N N   . HIS A 5  ? 0.6058 0.1668 0.4920 -0.0176 -0.0061 -0.0832 5  HIS A N   
11  C CA  . HIS A 5  ? 0.5455 0.1319 0.4344 0.0014  -0.0211 -0.0868 5  HIS A CA  
12  C C   . HIS A 5  ? 0.4873 0.1225 0.3946 0.0015  -0.0210 -0.0873 5  HIS A C   
13  O O   . HIS A 5  ? 0.4654 0.1090 0.3649 0.0053  -0.0203 -0.0777 5  HIS A O   
14  C CB  . HIS A 5  ? 0.5689 0.1246 0.4307 0.0173  -0.0307 -0.0782 5  HIS A CB  
15  C CG  . HIS A 5  ? 0.6018 0.1038 0.4410 0.0201  -0.0344 -0.0777 5  HIS A CG  
16  N ND1 . HIS A 5  ? 0.5809 0.0783 0.4307 0.0277  -0.0425 -0.0903 5  HIS A ND1 
17  C CD2 . HIS A 5  ? 0.6855 0.1302 0.4870 0.0160  -0.0300 -0.0662 5  HIS A CD2 
18  C CE1 . HIS A 5  ? 0.6750 0.1169 0.4984 0.0289  -0.0450 -0.0864 5  HIS A CE1 
19  N NE2 . HIS A 5  ? 0.7277 0.1345 0.5187 0.0217  -0.0373 -0.0712 5  HIS A NE2 
20  N N   . LEU A 6  ? 0.4532 0.1163 0.3812 -0.0024 -0.0229 -0.0991 6  LEU A N   
21  C CA  . LEU A 6  ? 0.4171 0.1195 0.3589 -0.0044 -0.0234 -0.1001 6  LEU A CA  
22  C C   . LEU A 6  ? 0.3944 0.1176 0.3306 0.0090  -0.0274 -0.0964 6  LEU A C   
23  O O   . LEU A 6  ? 0.3766 0.1213 0.3162 0.0076  -0.0252 -0.0905 6  LEU A O   
24  C CB  . LEU A 6  ? 0.4253 0.1432 0.3825 -0.0095 -0.0290 -0.1145 6  LEU A CB  
25  C CG  . LEU A 6  ? 0.4063 0.1567 0.3746 -0.0118 -0.0334 -0.1173 6  LEU A CG  
26  C CD1 . LEU A 6  ? 0.4127 0.1739 0.3960 -0.0216 -0.0259 -0.1090 6  LEU A CD1 
27  C CD2 . LEU A 6  ? 0.4288 0.1817 0.4061 -0.0154 -0.0438 -0.1332 6  LEU A CD2 
28  N N   . LEU A 7  ? 0.4161 0.1327 0.3475 0.0218  -0.0322 -0.1014 7  LEU A N   
29  C CA  . LEU A 7  ? 0.3860 0.1218 0.3201 0.0337  -0.0339 -0.1006 7  LEU A CA  
30  C C   . LEU A 7  ? 0.3897 0.1189 0.3174 0.0371  -0.0356 -0.0878 7  LEU A C   
31  O O   . LEU A 7  ? 0.3728 0.1250 0.3062 0.0397  -0.0347 -0.0841 7  LEU A O   
32  C CB  . LEU A 7  ? 0.4113 0.1421 0.3504 0.0463  -0.0369 -0.1125 7  LEU A CB  
33  C CG  . LEU A 7  ? 0.3917 0.1437 0.3438 0.0578  -0.0360 -0.1157 7  LEU A CG  
34  C CD1 . LEU A 7  ? 0.3845 0.1667 0.3379 0.0525  -0.0275 -0.1147 7  LEU A CD1 
35  C CD2 . LEU A 7  ? 0.4143 0.1622 0.3778 0.0688  -0.0357 -0.1310 7  LEU A CD2 
36  N N   . GLN A 8  ? 0.4239 0.1167 0.3355 0.0367  -0.0381 -0.0810 8  GLN A N   
37  C CA  . GLN A 8  ? 0.4443 0.1206 0.3385 0.0386  -0.0401 -0.0684 8  GLN A CA  
38  C C   . GLN A 8  ? 0.4153 0.1101 0.3110 0.0259  -0.0295 -0.0612 8  GLN A C   
39  O O   . GLN A 8  ? 0.4062 0.1115 0.2987 0.0291  -0.0308 -0.0546 8  GLN A O   
40  C CB  . GLN A 8  ? 0.4897 0.1127 0.3546 0.0382  -0.0423 -0.0617 8  GLN A CB  
41  C CG  . GLN A 8  ? 0.5368 0.1341 0.3967 0.0545  -0.0574 -0.0675 8  GLN A CG  
42  C CD  . GLN A 8  ? 0.6196 0.1551 0.4421 0.0531  -0.0593 -0.0598 8  GLN A CD  
43  O OE1 . GLN A 8  ? 0.7403 0.2468 0.5327 0.0434  -0.0505 -0.0475 8  GLN A OE1 
44  N NE2 . GLN A 8  ? 0.6677 0.1789 0.4893 0.0625  -0.0691 -0.0671 8  GLN A NE2 
45  N N   . LEU A 9  ? 0.4145 0.1137 0.3191 0.0119  -0.0202 -0.0643 9  LEU A N   
46  C CA  . LEU A 9  ? 0.4040 0.1214 0.3177 0.0001  -0.0107 -0.0603 9  LEU A CA  
47  C C   . LEU A 9  ? 0.3713 0.1287 0.2994 0.0045  -0.0145 -0.0621 9  LEU A C   
48  O O   . LEU A 9  ? 0.3614 0.1300 0.2896 0.0019  -0.0105 -0.0555 9  LEU A O   
49  C CB  . LEU A 9  ? 0.4156 0.1317 0.3461 -0.0149 -0.0025 -0.0672 9  LEU A CB  
50  C CG  . LEU A 9  ? 0.4859 0.1593 0.4022 -0.0252 0.0092  -0.0635 9  LEU A CG  
51  C CD1 . LEU A 9  ? 0.5067 0.1843 0.4510 -0.0399 0.0157  -0.0749 9  LEU A CD1 
52  C CD2 . LEU A 9  ? 0.5404 0.1958 0.4378 -0.0314 0.0228  -0.0516 9  LEU A CD2 
53  N N   . THR A 10 ? 0.3566 0.1315 0.2931 0.0108  -0.0207 -0.0712 10 THR A N   
54  C CA  . THR A 10 ? 0.3442 0.1491 0.2870 0.0146  -0.0221 -0.0723 10 THR A CA  
55  C C   . THR A 10 ? 0.3384 0.1483 0.2780 0.0235  -0.0234 -0.0660 10 THR A C   
56  O O   . THR A 10 ? 0.3155 0.1441 0.2583 0.0226  -0.0216 -0.0619 10 THR A O   
57  C CB  . THR A 10 ? 0.3487 0.1631 0.2923 0.0181  -0.0249 -0.0836 10 THR A CB  
58  O OG1 . THR A 10 ? 0.3923 0.1956 0.3342 0.0274  -0.0259 -0.0891 10 THR A OG1 
59  C CG2 . THR A 10 ? 0.3624 0.1718 0.3099 0.0099  -0.0281 -0.0915 10 THR A CG2 
60  N N   . VAL A 11 ? 0.3563 0.1480 0.2915 0.0326  -0.0285 -0.0663 11 VAL A N   
61  C CA  . VAL A 11 ? 0.3618 0.1562 0.2981 0.0420  -0.0341 -0.0625 11 VAL A CA  
62  C C   . VAL A 11 ? 0.3646 0.1520 0.2876 0.0367  -0.0325 -0.0509 11 VAL A C   
63  O O   . VAL A 11 ? 0.3519 0.1568 0.2802 0.0386  -0.0330 -0.0479 11 VAL A O   
64  C CB  . VAL A 11 ? 0.3900 0.1601 0.3242 0.0548  -0.0455 -0.0661 11 VAL A CB  
65  C CG1 . VAL A 11 ? 0.4010 0.1689 0.3361 0.0648  -0.0564 -0.0629 11 VAL A CG1 
66  C CG2 . VAL A 11 ? 0.4072 0.1889 0.3608 0.0614  -0.0452 -0.0800 11 VAL A CG2 
67  N N   . TRP A 12 ? 0.3890 0.1486 0.2939 0.0293  -0.0281 -0.0451 12 TRP A N   
68  C CA  . TRP A 12 ? 0.4104 0.1578 0.2989 0.0226  -0.0216 -0.0354 12 TRP A CA  
69  C C   . TRP A 12 ? 0.3617 0.1426 0.2685 0.0142  -0.0134 -0.0355 12 TRP A C   
70  O O   . TRP A 12 ? 0.3506 0.1385 0.2536 0.0145  -0.0121 -0.0301 12 TRP A O   
71  C CB  . TRP A 12 ? 0.4715 0.1793 0.3380 0.0136  -0.0125 -0.0311 12 TRP A CB  
72  C CG  . TRP A 12 ? 0.5154 0.2078 0.3644 0.0040  0.0007  -0.0229 12 TRP A CG  
73  C CD1 . TRP A 12 ? 0.5822 0.2403 0.3945 0.0081  -0.0005 -0.0140 12 TRP A CD1 
74  C CD2 . TRP A 12 ? 0.5338 0.2429 0.4016 -0.0107 0.0174  -0.0247 12 TRP A CD2 
75  N NE1 . TRP A 12 ? 0.6072 0.2585 0.4111 -0.0043 0.0181  -0.0097 12 TRP A NE1 
76  C CE2 . TRP A 12 ? 0.5596 0.2443 0.4021 -0.0160 0.0297  -0.0167 12 TRP A CE2 
77  C CE3 . TRP A 12 ? 0.5293 0.2696 0.4336 -0.0191 0.0215  -0.0338 12 TRP A CE3 
78  C CZ2 . TRP A 12 ? 0.5490 0.2436 0.4080 -0.0301 0.0493  -0.0187 12 TRP A CZ2 
79  C CZ3 . TRP A 12 ? 0.5137 0.2650 0.4373 -0.0318 0.0363  -0.0361 12 TRP A CZ3 
80  C CH2 . TRP A 12 ? 0.5156 0.2460 0.4196 -0.0375 0.0517  -0.0290 12 TRP A CH2 
81  N N   . GLY A 13 ? 0.3366 0.1360 0.2619 0.0081  -0.0107 -0.0427 13 GLY A N   
82  C CA  . GLY A 13 ? 0.3135 0.1409 0.2555 0.0024  -0.0077 -0.0443 13 GLY A CA  
83  C C   . GLY A 13 ? 0.2956 0.1448 0.2398 0.0097  -0.0125 -0.0427 13 GLY A C   
84  O O   . GLY A 13 ? 0.2742 0.1364 0.2225 0.0074  -0.0101 -0.0390 13 GLY A O   
85  N N   . ILE A 14 ? 0.2976 0.1500 0.2414 0.0181  -0.0172 -0.0467 14 ILE A N   
86  C CA  . ILE A 14 ? 0.2930 0.1638 0.2418 0.0234  -0.0180 -0.0470 14 ILE A CA  
87  C C   . ILE A 14 ? 0.2837 0.1519 0.2297 0.0264  -0.0200 -0.0400 14 ILE A C   
88  O O   . ILE A 14 ? 0.2631 0.1463 0.2130 0.0252  -0.0182 -0.0369 14 ILE A O   
89  C CB  . ILE A 14 ? 0.3021 0.1756 0.2569 0.0306  -0.0185 -0.0558 14 ILE A CB  
90  C CG1 . ILE A 14 ? 0.3310 0.2076 0.2811 0.0270  -0.0155 -0.0628 14 ILE A CG1 
91  C CG2 . ILE A 14 ? 0.3176 0.2062 0.2836 0.0355  -0.0162 -0.0573 14 ILE A CG2 
92  C CD1 . ILE A 14 ? 0.3664 0.2374 0.3183 0.0324  -0.0135 -0.0732 14 ILE A CD1 
93  N N   . LYS A 15 ? 0.2971 0.1420 0.2322 0.0306  -0.0250 -0.0374 15 LYS A N   
94  C CA  . LYS A 15 ? 0.3129 0.1460 0.2363 0.0343  -0.0299 -0.0311 15 LYS A CA  
95  C C   . LYS A 15 ? 0.3038 0.1376 0.2187 0.0256  -0.0213 -0.0242 15 LYS A C   
96  O O   . LYS A 15 ? 0.2876 0.1283 0.2018 0.0273  -0.0230 -0.0212 15 LYS A O   
97  C CB  . LYS A 15 ? 0.3582 0.1545 0.2599 0.0410  -0.0389 -0.0291 15 LYS A CB  
98  C CG  . LYS A 15 ? 0.4021 0.1994 0.3183 0.0537  -0.0520 -0.0377 15 LYS A CG  
99  C CD  . LYS A 15 ? 0.5008 0.2554 0.3916 0.0621  -0.0649 -0.0358 15 LYS A CD  
100 C CE  . LYS A 15 ? 0.5301 0.2887 0.4442 0.0761  -0.0795 -0.0473 15 LYS A CE  
101 N NZ  . LYS A 15 ? 0.6203 0.3343 0.5089 0.0841  -0.0918 -0.0462 15 LYS A NZ  
102 N N   . GLN A 16 ? 0.3046 0.1326 0.2181 0.0161  -0.0117 -0.0236 16 GLN A N   
103 C CA  . GLN A 16 ? 0.3122 0.1436 0.2266 0.0075  -0.0013 -0.0203 16 GLN A CA  
104 C C   . GLN A 16 ? 0.2745 0.1379 0.2085 0.0075  -0.0028 -0.0221 16 GLN A C   
105 O O   . GLN A 16 ? 0.2588 0.1270 0.1919 0.0066  0.0000  -0.0187 16 GLN A O   
106 C CB  . GLN A 16 ? 0.3356 0.1595 0.2575 -0.0033 0.0096  -0.0236 16 GLN A CB  
107 C CG  . GLN A 16 ? 0.4285 0.2120 0.3248 -0.0067 0.0167  -0.0201 16 GLN A CG  
108 C CD  . GLN A 16 ? 0.5455 0.3023 0.4157 -0.0110 0.0286  -0.0132 16 GLN A CD  
109 O OE1 . GLN A 16 ? 0.5962 0.3587 0.4789 -0.0214 0.0447  -0.0150 16 GLN A OE1 
110 N NE2 . GLN A 16 ? 0.6047 0.3304 0.4383 -0.0022 0.0203  -0.0068 16 GLN A NE2 
111 N N   . LEU A 17 ? 0.2532 0.1338 0.2001 0.0089  -0.0074 -0.0276 17 LEU A N   
112 C CA  . LEU A 17 ? 0.2402 0.1422 0.1961 0.0096  -0.0097 -0.0285 17 LEU A CA  
113 C C   . LEU A 17 ? 0.2271 0.1348 0.1798 0.0150  -0.0117 -0.0252 17 LEU A C   
114 O O   . LEU A 17 ? 0.2100 0.1276 0.1654 0.0144  -0.0112 -0.0226 17 LEU A O   
115 C CB  . LEU A 17 ? 0.2488 0.1577 0.2076 0.0100  -0.0139 -0.0352 17 LEU A CB  
116 C CG  . LEU A 17 ? 0.2718 0.1799 0.2408 0.0044  -0.0160 -0.0412 17 LEU A CG  
117 C CD1 . LEU A 17 ? 0.3033 0.2138 0.2668 0.0067  -0.0239 -0.0479 17 LEU A CD1 
118 C CD2 . LEU A 17 ? 0.2809 0.1974 0.2664 -0.0005 -0.0145 -0.0412 17 LEU A CD2 
119 N N   . GLN A 18 ? 0.2323 0.1334 0.1828 0.0208  -0.0150 -0.0267 18 GLN A N   
120 C CA  . GLN A 18 ? 0.2358 0.1435 0.1918 0.0258  -0.0180 -0.0265 18 GLN A CA  
121 C C   . GLN A 18 ? 0.2198 0.1204 0.1672 0.0252  -0.0194 -0.0206 18 GLN A C   
122 O O   . GLN A 18 ? 0.2137 0.1250 0.1670 0.0255  -0.0195 -0.0195 18 GLN A O   
123 C CB  . GLN A 18 ? 0.2517 0.1522 0.2134 0.0335  -0.0246 -0.0318 18 GLN A CB  
124 C CG  . GLN A 18 ? 0.3258 0.2397 0.3068 0.0381  -0.0273 -0.0369 18 GLN A CG  
125 C CD  . GLN A 18 ? 0.3882 0.2997 0.3859 0.0469  -0.0347 -0.0462 18 GLN A CD  
126 O OE1 . GLN A 18 ? 0.4693 0.3729 0.4727 0.0547  -0.0482 -0.0488 18 GLN A OE1 
127 N NE2 . GLN A 18 ? 0.4043 0.3203 0.4093 0.0466  -0.0280 -0.0528 18 GLN A NE2 
128 N N   . ALA A 19 ? 0.2315 0.1104 0.1619 0.0241  -0.0189 -0.0171 19 ALA A N   
129 C CA  . ALA A 19 ? 0.2405 0.1059 0.1551 0.0232  -0.0174 -0.0122 19 ALA A CA  
130 C C   . ALA A 19 ? 0.2285 0.1106 0.1535 0.0169  -0.0089 -0.0109 19 ALA A C   
131 O O   . ALA A 19 ? 0.2226 0.1064 0.1449 0.0178  -0.0093 -0.0089 19 ALA A O   
132 C CB  . ALA A 19 ? 0.2779 0.1090 0.1649 0.0213  -0.0135 -0.0088 19 ALA A CB  
133 N N   . ARG A 20 ? 0.2073 0.1012 0.1457 0.0117  -0.0038 -0.0134 20 ARG A N   
134 C CA  . ARG A 20 ? 0.1972 0.1062 0.1493 0.0081  -0.0002 -0.0142 20 ARG A CA  
135 C C   . ARG A 20 ? 0.1781 0.1023 0.1355 0.0118  -0.0062 -0.0134 20 ARG A C   
136 O O   . ARG A 20 ? 0.1749 0.1038 0.1353 0.0117  -0.0053 -0.0118 20 ARG A O   
137 C CB  . ARG A 20 ? 0.2025 0.1198 0.1716 0.0032  0.0015  -0.0197 20 ARG A CB  
138 C CG  . ARG A 20 ? 0.2474 0.1529 0.2207 -0.0040 0.0135  -0.0218 20 ARG A CG  
139 C CD  . ARG A 20 ? 0.2395 0.1544 0.2355 -0.0084 0.0121  -0.0298 20 ARG A CD  
140 N NE  . ARG A 20 ? 0.2111 0.1458 0.2343 -0.0086 0.0073  -0.0361 20 ARG A NE  
141 C CZ  . ARG A 20 ? 0.2104 0.1548 0.2594 -0.0113 0.0018  -0.0459 20 ARG A CZ  
142 N NH1 . ARG A 20 ? 0.2425 0.1792 0.2923 -0.0152 0.0025  -0.0496 20 ARG A NH1 
143 N NH2 . ARG A 20 ? 0.2101 0.1706 0.2858 -0.0093 -0.0067 -0.0531 20 ARG A NH2 
144 N N   . ILE A 21 ? 0.1770 0.1059 0.1345 0.0144  -0.0100 -0.0151 21 ILE A N   
145 C CA  . ILE A 21 ? 0.1779 0.1153 0.1367 0.0158  -0.0109 -0.0143 21 ILE A CA  
146 C C   . ILE A 21 ? 0.1600 0.0964 0.1200 0.0179  -0.0118 -0.0124 21 ILE A C   
147 O O   . ILE A 21 ? 0.1582 0.0987 0.1197 0.0172  -0.0112 -0.0104 21 ILE A O   
148 C CB  . ILE A 21 ? 0.1992 0.1380 0.1566 0.0167  -0.0095 -0.0182 21 ILE A CB  
149 C CG1 . ILE A 21 ? 0.2275 0.1637 0.1793 0.0153  -0.0115 -0.0210 21 ILE A CG1 
150 C CG2 . ILE A 21 ? 0.2442 0.1863 0.2005 0.0160  -0.0049 -0.0177 21 ILE A CG2 
151 C CD1 . ILE A 21 ? 0.2660 0.1988 0.2130 0.0164  -0.0088 -0.0263 21 ILE A CD1 
152 N N   . LEU A 22 ? 0.1648 0.0932 0.1232 0.0212  -0.0154 -0.0138 22 LEU A N   
153 C CA  . LEU A 22 ? 0.1659 0.0901 0.1247 0.0247  -0.0211 -0.0140 22 LEU A CA  
154 C C   . LEU A 22 ? 0.1679 0.0854 0.1159 0.0229  -0.0193 -0.0099 22 LEU A C   
155 O O   . LEU A 22 ? 0.1745 0.0951 0.1263 0.0236  -0.0216 -0.0101 22 LEU A O   
156 C CB  . LEU A 22 ? 0.1875 0.0963 0.1398 0.0307  -0.0301 -0.0168 22 LEU A CB  
157 C CG  . LEU A 22 ? 0.2055 0.1054 0.1565 0.0368  -0.0424 -0.0193 22 LEU A CG  
158 C CD1 . LEU A 22 ? 0.2140 0.1349 0.1952 0.0368  -0.0436 -0.0257 22 LEU A CD1 
159 C CD2 . LEU A 22 ? 0.2164 0.0949 0.1558 0.0448  -0.0554 -0.0221 22 LEU A CD2 
160 N N   . ALA A 23 ? 0.1843 0.0924 0.1216 0.0199  -0.0133 -0.0078 23 ALA A N   
161 C CA  . ALA A 23 ? 0.1887 0.0906 0.1190 0.0178  -0.0076 -0.0060 23 ALA A CA  
162 C C   . ALA A 23 ? 0.1722 0.0919 0.1184 0.0166  -0.0068 -0.0060 23 ALA A C   
163 O O   . ALA A 23 ? 0.1786 0.0957 0.1224 0.0173  -0.0063 -0.0054 23 ALA A O   
164 C CB  . ALA A 23 ? 0.2003 0.0908 0.1239 0.0128  0.0036  -0.0062 23 ALA A CB  
165 N N   . VAL A 24 ? 0.1612 0.0932 0.1184 0.0156  -0.0079 -0.0068 24 VAL A N   
166 C CA  . VAL A 24 ? 0.1643 0.1046 0.1283 0.0159  -0.0099 -0.0061 24 VAL A CA  
167 C C   . VAL A 24 ? 0.1684 0.1086 0.1304 0.0167  -0.0115 -0.0043 24 VAL A C   
168 O O   . VAL A 24 ? 0.1709 0.1102 0.1338 0.0170  -0.0122 -0.0029 24 VAL A O   
169 C CB  . VAL A 24 ? 0.1647 0.1095 0.1314 0.0157  -0.0133 -0.0076 24 VAL A CB  
170 C CG1 . VAL A 24 ? 0.1887 0.1318 0.1501 0.0174  -0.0178 -0.0055 24 VAL A CG1 
171 C CG2 . VAL A 24 ? 0.1925 0.1405 0.1718 0.0143  -0.0128 -0.0120 24 VAL A CG2 
172 N N   . GLU A 25 ? 0.1598 0.1012 0.1233 0.0168  -0.0117 -0.0059 25 GLU A N   
173 C CA  . GLU A 25 ? 0.1629 0.1064 0.1337 0.0158  -0.0109 -0.0072 25 GLU A CA  
174 C C   . GLU A 25 ? 0.1651 0.1043 0.1369 0.0176  -0.0157 -0.0077 25 GLU A C   
175 O O   . GLU A 25 ? 0.1690 0.1081 0.1450 0.0160  -0.0150 -0.0074 25 GLU A O   
176 C CB  . GLU A 25 ? 0.1570 0.1052 0.1392 0.0163  -0.0100 -0.0126 25 GLU A CB  
177 C CG  . GLU A 25 ? 0.1675 0.1171 0.1455 0.0140  -0.0028 -0.0133 25 GLU A CG  
178 C CD  . GLU A 25 ? 0.1697 0.1240 0.1608 0.0157  -0.0013 -0.0204 25 GLU A CD  
179 O OE1 . GLU A 25 ? 0.1897 0.1446 0.1913 0.0203  -0.0098 -0.0241 25 GLU A OE1 
180 O OE2 . GLU A 25 ? 0.1747 0.1285 0.1621 0.0133  0.0073  -0.0226 25 GLU A OE2 
181 N N   . ARG A 26 ? 0.1662 0.0970 0.1295 0.0208  -0.0203 -0.0087 26 ARG A N   
182 C CA  . ARG A 26 ? 0.1728 0.0919 0.1272 0.0234  -0.0260 -0.0099 26 ARG A CA  
183 C C   . ARG A 26 ? 0.1860 0.1023 0.1343 0.0219  -0.0205 -0.0072 26 ARG A C   
184 O O   . ARG A 26 ? 0.1925 0.1038 0.1393 0.0229  -0.0238 -0.0087 26 ARG A O   
185 C CB  . ARG A 26 ? 0.1932 0.0933 0.1271 0.0274  -0.0311 -0.0104 26 ARG A CB  
186 C CG  . ARG A 26 ? 0.1906 0.0896 0.1323 0.0323  -0.0427 -0.0154 26 ARG A CG  
187 C CD  . ARG A 26 ? 0.2197 0.0933 0.1338 0.0367  -0.0480 -0.0141 26 ARG A CD  
188 N NE  . ARG A 26 ? 0.2280 0.0953 0.1485 0.0447  -0.0650 -0.0205 26 ARG A NE  
189 C CZ  . ARG A 26 ? 0.2585 0.1010 0.1561 0.0504  -0.0735 -0.0201 26 ARG A CZ  
190 N NH1 . ARG A 26 ? 0.2807 0.1024 0.1473 0.0467  -0.0622 -0.0131 26 ARG A NH1 
191 N NH2 . ARG A 26 ? 0.2670 0.1043 0.1752 0.0599  -0.0930 -0.0278 26 ARG A NH2 
192 N N   . TYR A 27 ? 0.1707 0.0908 0.1194 0.0200  -0.0134 -0.0051 27 TYR A N   
193 C CA  . TYR A 27 ? 0.1782 0.0982 0.1293 0.0198  -0.0087 -0.0052 27 TYR A CA  
194 C C   . TYR A 27 ? 0.1665 0.0918 0.1260 0.0200  -0.0123 -0.0039 27 TYR A C   
195 O O   . TYR A 27 ? 0.1823 0.1026 0.1412 0.0212  -0.0123 -0.0049 27 TYR A O   
196 C CB  . TYR A 27 ? 0.1765 0.1035 0.1374 0.0183  -0.0033 -0.0065 27 TYR A CB  
197 C CG  . TYR A 27 ? 0.1769 0.1051 0.1481 0.0188  0.0023  -0.0101 27 TYR A CG  
198 C CD1 . TYR A 27 ? 0.2128 0.1298 0.1769 0.0169  0.0141  -0.0134 27 TYR A CD1 
199 C CD2 . TYR A 27 ? 0.1658 0.1029 0.1527 0.0216  -0.0036 -0.0112 27 TYR A CD2 
200 C CE1 . TYR A 27 ? 0.2146 0.1344 0.1940 0.0170  0.0227  -0.0194 27 TYR A CE1 
201 C CE2 . TYR A 27 ? 0.1769 0.1169 0.1807 0.0237  0.0002  -0.0170 27 TYR A CE2 
202 C CZ  . TYR A 27 ? 0.1921 0.1260 0.1956 0.0210  0.0146  -0.0219 27 TYR A CZ  
203 O OH  . TYR A 27 ? 0.2103 0.1483 0.2354 0.0225  0.0219  -0.0300 27 TYR A OH  
204 N N   . LEU A 28 ? 0.1701 0.1011 0.1336 0.0185  -0.0138 -0.0019 28 LEU A N   
205 C CA  . LEU A 28 ? 0.1736 0.1014 0.1374 0.0174  -0.0145 0.0005  28 LEU A CA  
206 C C   . LEU A 28 ? 0.1791 0.1036 0.1471 0.0158  -0.0151 -0.0015 28 LEU A C   
207 O O   . LEU A 28 ? 0.1884 0.1064 0.1562 0.0156  -0.0157 -0.0008 28 LEU A O   
208 C CB  . LEU A 28 ? 0.1840 0.1112 0.1428 0.0148  -0.0119 0.0027  28 LEU A CB  
209 C CG  . LEU A 28 ? 0.2152 0.1420 0.1677 0.0173  -0.0156 0.0035  28 LEU A CG  
210 C CD1 . LEU A 28 ? 0.2488 0.1697 0.1886 0.0146  -0.0119 0.0048  28 LEU A CD1 
211 C CD2 . LEU A 28 ? 0.2563 0.1761 0.2067 0.0216  -0.0225 0.0047  28 LEU A CD2 
212 N N   . LYS A 29 ? 0.1758 0.1036 0.1494 0.0153  -0.0171 -0.0053 29 LYS A N   
213 C CA  . LYS A 29 ? 0.1876 0.1132 0.1706 0.0148  -0.0222 -0.0103 29 LYS A CA  
214 C C   . LYS A 29 ? 0.1910 0.1055 0.1621 0.0185  -0.0270 -0.0116 29 LYS A C   
215 O O   . LYS A 29 ? 0.2063 0.1159 0.1817 0.0174  -0.0291 -0.0136 29 LYS A O   
216 C CB  . LYS A 29 ? 0.1853 0.1158 0.1797 0.0164  -0.0283 -0.0166 29 LYS A CB  
217 C CG  . LYS A 29 ? 0.2119 0.1411 0.2224 0.0174  -0.0385 -0.0252 29 LYS A CG  
218 C CD  . LYS A 29 ? 0.2361 0.1699 0.2618 0.0216  -0.0491 -0.0333 29 LYS A CD  
219 C CE  . LYS A 29 ? 0.3049 0.2401 0.3561 0.0233  -0.0629 -0.0453 29 LYS A CE  
220 N NZ  . LYS A 29 ? 0.3625 0.3017 0.4319 0.0301  -0.0773 -0.0550 29 LYS A NZ  
221 N N   . ASP A 30 ? 0.1989 0.1063 0.1536 0.0219  -0.0269 -0.0111 30 ASP A N   
222 C CA  . ASP A 30 ? 0.2168 0.1081 0.1536 0.0249  -0.0280 -0.0134 30 ASP A CA  
223 C C   . ASP A 30 ? 0.2151 0.1067 0.1553 0.0246  -0.0216 -0.0125 30 ASP A C   
224 O O   . ASP A 30 ? 0.2463 0.1262 0.1781 0.0263  -0.0233 -0.0160 30 ASP A O   
225 C CB  . ASP A 30 ? 0.2262 0.1053 0.1416 0.0266  -0.0234 -0.0127 30 ASP A CB  
226 C CG  . ASP A 30 ? 0.2554 0.1259 0.1610 0.0294  -0.0334 -0.0141 30 ASP A CG  
227 O OD1 . ASP A 30 ? 0.2469 0.1231 0.1668 0.0310  -0.0455 -0.0180 30 ASP A OD1 
228 O OD2 . ASP A 30 ? 0.2681 0.1246 0.1530 0.0299  -0.0288 -0.0123 30 ASP A OD2 
229 N N   . GLN A 31 ? 0.2016 0.1043 0.1531 0.0235  -0.0165 -0.0090 31 GLN A N   
230 C CA  . GLN A 31 ? 0.2055 0.1080 0.1640 0.0254  -0.0143 -0.0093 31 GLN A CA  
231 C C   . GLN A 31 ? 0.2143 0.1141 0.1779 0.0240  -0.0189 -0.0065 31 GLN A C   
232 O O   . GLN A 31 ? 0.2073 0.1019 0.1740 0.0267  -0.0199 -0.0062 31 GLN A O   
233 C CB  . GLN A 31 ? 0.2051 0.1168 0.1740 0.0269  -0.0110 -0.0091 31 GLN A CB  
234 C CG  . GLN A 31 ? 0.2157 0.1275 0.1832 0.0262  -0.0015 -0.0132 31 GLN A CG  
235 C CD  . GLN A 31 ? 0.2390 0.1384 0.1985 0.0273  0.0070  -0.0186 31 GLN A CD  
236 O OE1 . GLN A 31 ? 0.2502 0.1482 0.2177 0.0303  0.0062  -0.0216 31 GLN A OE1 
237 N NE2 . GLN A 31 ? 0.2760 0.1617 0.2151 0.0250  0.0161  -0.0202 31 GLN A NE2 
238 N N   . GLN A 32 ? 0.2071 0.1084 0.1729 0.0197  -0.0206 -0.0057 32 GLN A N   
239 C CA  . GLN A 32 ? 0.2216 0.1169 0.1929 0.0153  -0.0203 -0.0044 32 GLN A CA  
240 C C   . GLN A 32 ? 0.2260 0.1138 0.1902 0.0144  -0.0176 0.0022  32 GLN A C   
241 O O   . GLN A 32 ? 0.2563 0.1299 0.2166 0.0126  -0.0170 0.0044  32 GLN A O   
242 C CB  . GLN A 32 ? 0.2496 0.1349 0.2219 0.0159  -0.0239 -0.0087 32 GLN A CB  
243 C CG  . GLN A 32 ? 0.3007 0.1849 0.2709 0.0179  -0.0301 -0.0159 32 GLN A CG  
244 C CD  . GLN A 32 ? 0.3826 0.2535 0.3484 0.0198  -0.0342 -0.0208 32 GLN A CD  
245 O OE1 . GLN A 32 ? 0.4675 0.3293 0.4177 0.0248  -0.0344 -0.0240 32 GLN A OE1 
246 N NE2 . GLN A 32 ? 0.4232 0.2895 0.4008 0.0151  -0.0349 -0.0216 32 GLN A NE2 
247 N N   . LEU A 33 ? 0.2179 0.1105 0.1766 0.0162  -0.0173 0.0052  33 LEU A N   
248 C CA  . LEU A 33 ? 0.2394 0.1177 0.1825 0.0159  -0.0173 0.0111  33 LEU A CA  
249 C C   . LEU A 33 ? 0.2517 0.1222 0.1891 0.0069  -0.0067 0.0132  33 LEU A C   
250 O O   . LEU A 33 ? 0.2821 0.1302 0.2035 0.0033  -0.0022 0.0178  33 LEU A O   
251 C CB  . LEU A 33 ? 0.2445 0.1278 0.1827 0.0208  -0.0226 0.0118  33 LEU A CB  
252 C CG  . LEU A 33 ? 0.2628 0.1239 0.1766 0.0234  -0.0283 0.0171  33 LEU A CG  
253 C CD1 . LEU A 33 ? 0.2875 0.1338 0.1983 0.0313  -0.0399 0.0177  33 LEU A CD1 
254 C CD2 . LEU A 33 ? 0.2784 0.1445 0.1873 0.0268  -0.0342 0.0159  33 LEU A CD2 
255 O OXT . LEU A 33 ? 0.2517 0.1365 0.2014 0.0032  -0.0016 0.0093  33 LEU A OXT 
# 
loop_
_pdbx_poly_seq_scheme.asym_id 
_pdbx_poly_seq_scheme.entity_id 
_pdbx_poly_seq_scheme.seq_id 
_pdbx_poly_seq_scheme.mon_id 
_pdbx_poly_seq_scheme.ndb_seq_num 
_pdbx_poly_seq_scheme.pdb_seq_num 
_pdbx_poly_seq_scheme.auth_seq_num 
_pdbx_poly_seq_scheme.pdb_mon_id 
_pdbx_poly_seq_scheme.auth_mon_id 
_pdbx_poly_seq_scheme.pdb_strand_id 
_pdbx_poly_seq_scheme.pdb_ins_code 
_pdbx_poly_seq_scheme.hetero 
A 1 1  GLU 1  1  ?  ?   ?   A . n 
A 1 2  ALA 2  2  ?  ?   ?   A . n 
A 1 3  GLN 3  3  ?  ?   ?   A . n 
A 1 4  GLN 4  4  4  GLN GLN A . n 
A 1 5  HIS 5  5  5  HIS HIS A . n 
A 1 6  LEU 6  6  6  LEU LEU A . n 
A 1 7  LEU 7  7  7  LEU LEU A . n 
A 1 8  GLN 8  8  8  GLN GLN A . n 
A 1 9  LEU 9  9  9  LEU LEU A . n 
A 1 10 THR 10 10 10 THR THR A . n 
A 1 11 VAL 11 11 11 VAL VAL A . n 
A 1 12 TRP 12 12 12 TRP TRP A . n 
A 1 13 GLY 13 13 13 GLY GLY A . n 
A 1 14 ILE 14 14 14 ILE ILE A . n 
A 1 15 LYS 15 15 15 LYS LYS A . n 
A 1 16 GLN 16 16 16 GLN GLN A . n 
A 1 17 LEU 17 17 17 LEU LEU A . n 
A 1 18 GLN 18 18 18 GLN GLN A . n 
A 1 19 ALA 19 19 19 ALA ALA A . n 
A 1 20 ARG 20 20 20 ARG ARG A . n 
A 1 21 ILE 21 21 21 ILE ILE A . n 
A 1 22 LEU 22 22 22 LEU LEU A . n 
A 1 23 ALA 23 23 23 ALA ALA A . n 
A 1 24 VAL 24 24 24 VAL VAL A . n 
A 1 25 GLU 25 25 25 GLU GLU A . n 
A 1 26 ARG 26 26 26 ARG ARG A . n 
A 1 27 TYR 27 27 27 TYR TYR A . n 
A 1 28 LEU 28 28 28 LEU LEU A . n 
A 1 29 LYS 29 29 29 LYS LYS A . n 
A 1 30 ASP 30 30 30 ASP ASP A . n 
A 1 31 GLN 31 31 31 GLN GLN A . n 
A 1 32 GLN 32 32 32 GLN GLN A . n 
A 1 33 LEU 33 33 33 LEU LEU A . n 
# 
loop_
_pdbx_nonpoly_scheme.asym_id 
_pdbx_nonpoly_scheme.entity_id 
_pdbx_nonpoly_scheme.mon_id 
_pdbx_nonpoly_scheme.ndb_seq_num 
_pdbx_nonpoly_scheme.pdb_seq_num 
_pdbx_nonpoly_scheme.auth_seq_num 
_pdbx_nonpoly_scheme.pdb_mon_id 
_pdbx_nonpoly_scheme.auth_mon_id 
_pdbx_nonpoly_scheme.pdb_strand_id 
_pdbx_nonpoly_scheme.pdb_ins_code 
B 2 JEF 1  34 1  JEF JEF A . 
C 3 HOH 1  35 35 HOH WAT A . 
C 3 HOH 2  36 36 HOH WAT A . 
C 3 HOH 3  37 37 HOH WAT A . 
C 3 HOH 4  38 38 HOH WAT A . 
C 3 HOH 5  39 39 HOH WAT A . 
C 3 HOH 6  40 40 HOH WAT A . 
C 3 HOH 7  41 41 HOH WAT A . 
C 3 HOH 8  42 42 HOH WAT A . 
C 3 HOH 9  43 43 HOH WAT A . 
C 3 HOH 10 44 44 HOH WAT A . 
C 3 HOH 11 45 45 HOH WAT A . 
C 3 HOH 12 46 46 HOH WAT A . 
C 3 HOH 13 47 47 HOH WAT A . 
C 3 HOH 14 48 48 HOH WAT A . 
C 3 HOH 15 49 49 HOH WAT A . 
C 3 HOH 16 50 2  HOH WAT A . 
C 3 HOH 17 51 3  HOH WAT A . 
C 3 HOH 18 52 4  HOH WAT A . 
C 3 HOH 19 53 5  HOH WAT A . 
C 3 HOH 20 54 6  HOH WAT A . 
C 3 HOH 21 55 7  HOH WAT A . 
C 3 HOH 22 56 8  HOH WAT A . 
C 3 HOH 23 57 9  HOH WAT A . 
C 3 HOH 24 58 10 HOH WAT A . 
C 3 HOH 25 59 11 HOH WAT A . 
C 3 HOH 26 60 12 HOH WAT A . 
C 3 HOH 27 61 13 HOH WAT A . 
C 3 HOH 28 62 14 HOH WAT A . 
C 3 HOH 29 63 15 HOH WAT A . 
C 3 HOH 30 64 16 HOH WAT A . 
C 3 HOH 31 65 17 HOH WAT A . 
C 3 HOH 32 66 18 HOH WAT A . 
C 3 HOH 33 67 19 HOH WAT A . 
C 3 HOH 34 68 20 HOH WAT A . 
C 3 HOH 35 69 21 HOH WAT A . 
C 3 HOH 36 70 22 HOH WAT A . 
C 3 HOH 37 71 23 HOH WAT A . 
C 3 HOH 38 72 24 HOH WAT A . 
C 3 HOH 39 73 25 HOH WAT A . 
C 3 HOH 40 74 26 HOH WAT A . 
C 3 HOH 41 75 27 HOH WAT A . 
C 3 HOH 42 76 28 HOH WAT A . 
C 3 HOH 43 77 29 HOH WAT A . 
C 3 HOH 44 78 30 HOH WAT A . 
C 3 HOH 45 79 31 HOH WAT A . 
C 3 HOH 46 80 32 HOH WAT A . 
C 3 HOH 47 81 33 HOH WAT A . 
C 3 HOH 48 82 34 HOH WAT A . 
# 
_pdbx_struct_assembly.id                   1 
_pdbx_struct_assembly.details              author_and_software_defined_assembly 
_pdbx_struct_assembly.method_details       PISA 
_pdbx_struct_assembly.oligomeric_details   trimeric 
_pdbx_struct_assembly.oligomeric_count     3 
# 
_pdbx_struct_assembly_gen.assembly_id       1 
_pdbx_struct_assembly_gen.oper_expression   1,2,3 
_pdbx_struct_assembly_gen.asym_id_list      A,B,C 
# 
loop_
_pdbx_struct_assembly_prop.biol_id 
_pdbx_struct_assembly_prop.type 
_pdbx_struct_assembly_prop.value 
_pdbx_struct_assembly_prop.details 
1 'ABSA (A^2)' 4690 ? 
1 MORE         -31  ? 
1 'SSA (A^2)'  6750 ? 
# 
loop_
_pdbx_struct_oper_list.id 
_pdbx_struct_oper_list.type 
_pdbx_struct_oper_list.name 
_pdbx_struct_oper_list.symmetry_operation 
_pdbx_struct_oper_list.matrix[1][1] 
_pdbx_struct_oper_list.matrix[1][2] 
_pdbx_struct_oper_list.matrix[1][3] 
_pdbx_struct_oper_list.vector[1] 
_pdbx_struct_oper_list.matrix[2][1] 
_pdbx_struct_oper_list.matrix[2][2] 
_pdbx_struct_oper_list.matrix[2][3] 
_pdbx_struct_oper_list.vector[2] 
_pdbx_struct_oper_list.matrix[3][1] 
_pdbx_struct_oper_list.matrix[3][2] 
_pdbx_struct_oper_list.matrix[3][3] 
_pdbx_struct_oper_list.vector[3] 
1 'identity operation'         1_555 x,y,z       1.0000000000  0.0000000000  0.0000000000  0.0000000000  0.0000000000  1.0000000000 0.0000000000 0.0000000000  0.0000000000  0.0000000000 1.0000000000  0.0000000000 
2 'crystal symmetry operation' 2_565 -y,x-y+1,z  -0.4438567017 -0.0631168920 -0.8938721868 6.4718869960  -0.4882095943 0.8535047990 0.1821563894 -0.7245729451 0.7514270559  0.5172483119 -0.4096480972 7.9060787328 
3 'crystal symmetry operation' 3_455 -x+y-1,-x,z -0.4438567017 -0.4882095943 0.7514270559  -3.4219945133 -0.0631168920 0.8535047990 0.5172483119 -3.0624939998 -0.8938721868 0.1821563894 -0.4096480972 9.1557354829 
# 
_pdbx_struct_special_symmetry.id              1 
_pdbx_struct_special_symmetry.PDB_model_num   1 
_pdbx_struct_special_symmetry.auth_asym_id    A 
_pdbx_struct_special_symmetry.auth_comp_id    HOH 
_pdbx_struct_special_symmetry.auth_seq_id     67 
_pdbx_struct_special_symmetry.PDB_ins_code    ? 
_pdbx_struct_special_symmetry.label_asym_id   C 
_pdbx_struct_special_symmetry.label_comp_id   HOH 
_pdbx_struct_special_symmetry.label_seq_id    . 
# 
loop_
_pdbx_audit_revision_history.ordinal 
_pdbx_audit_revision_history.data_content_type 
_pdbx_audit_revision_history.major_revision 
_pdbx_audit_revision_history.minor_revision 
_pdbx_audit_revision_history.revision_date 
1 'Structure model' 1 0 2013-04-24 
2 'Structure model' 1 1 2023-09-13 
# 
_pdbx_audit_revision_details.ordinal             1 
_pdbx_audit_revision_details.revision_ordinal    1 
_pdbx_audit_revision_details.data_content_type   'Structure model' 
_pdbx_audit_revision_details.provider            repository 
_pdbx_audit_revision_details.type                'Initial release' 
_pdbx_audit_revision_details.description         ? 
_pdbx_audit_revision_details.details             ? 
# 
loop_
_pdbx_audit_revision_group.ordinal 
_pdbx_audit_revision_group.revision_ordinal 
_pdbx_audit_revision_group.data_content_type 
_pdbx_audit_revision_group.group 
1 2 'Structure model' 'Data collection'        
2 2 'Structure model' 'Database references'    
3 2 'Structure model' 'Derived calculations'   
4 2 'Structure model' 'Refinement description' 
# 
loop_
_pdbx_audit_revision_category.ordinal 
_pdbx_audit_revision_category.revision_ordinal 
_pdbx_audit_revision_category.data_content_type 
_pdbx_audit_revision_category.category 
1 2 'Structure model' chem_comp_atom                
2 2 'Structure model' chem_comp_bond                
3 2 'Structure model' database_2                    
4 2 'Structure model' pdbx_initial_refinement_model 
5 2 'Structure model' struct_site                   
# 
loop_
_pdbx_audit_revision_item.ordinal 
_pdbx_audit_revision_item.revision_ordinal 
_pdbx_audit_revision_item.data_content_type 
_pdbx_audit_revision_item.item 
1 2 'Structure model' '_database_2.pdbx_DOI'                
2 2 'Structure model' '_database_2.pdbx_database_accession' 
3 2 'Structure model' '_struct_site.pdbx_auth_asym_id'      
4 2 'Structure model' '_struct_site.pdbx_auth_comp_id'      
5 2 'Structure model' '_struct_site.pdbx_auth_seq_id'       
# 
_pdbx_refine_tls.pdbx_refine_id   'X-RAY DIFFRACTION' 
_pdbx_refine_tls.id               1 
_pdbx_refine_tls.details          ? 
_pdbx_refine_tls.method           refined 
_pdbx_refine_tls.origin_x         0.0739 
_pdbx_refine_tls.origin_y         0.1207 
_pdbx_refine_tls.origin_z         -0.3124 
_pdbx_refine_tls.T[1][1]          -0.0610 
_pdbx_refine_tls.T[2][2]          -0.1669 
_pdbx_refine_tls.T[3][3]          -0.1197 
_pdbx_refine_tls.T[1][2]          0.0171 
_pdbx_refine_tls.T[1][3]          -0.0116 
_pdbx_refine_tls.T[2][3]          -0.0183 
_pdbx_refine_tls.L[1][1]          1.1398 
_pdbx_refine_tls.L[2][2]          5.5755 
_pdbx_refine_tls.L[3][3]          1.7638 
_pdbx_refine_tls.L[1][2]          -0.2063 
_pdbx_refine_tls.L[1][3]          0.0844 
_pdbx_refine_tls.L[2][3]          1.7879 
_pdbx_refine_tls.S[1][1]          0.0053 
_pdbx_refine_tls.S[1][2]          -0.0826 
_pdbx_refine_tls.S[1][3]          0.1751 
_pdbx_refine_tls.S[2][1]          -0.2798 
_pdbx_refine_tls.S[2][2]          -0.0250 
_pdbx_refine_tls.S[2][3]          -0.0152 
_pdbx_refine_tls.S[3][1]          -0.2891 
_pdbx_refine_tls.S[3][2]          -0.0043 
_pdbx_refine_tls.S[3][3]          0.0198 
# 
_pdbx_refine_tls_group.pdbx_refine_id      'X-RAY DIFFRACTION' 
_pdbx_refine_tls_group.id                  1 
_pdbx_refine_tls_group.refine_tls_id       1 
_pdbx_refine_tls_group.beg_auth_asym_id    A 
_pdbx_refine_tls_group.beg_auth_seq_id     4 
_pdbx_refine_tls_group.beg_label_asym_id   ? 
_pdbx_refine_tls_group.beg_label_seq_id    ? 
_pdbx_refine_tls_group.end_auth_asym_id    A 
_pdbx_refine_tls_group.end_auth_seq_id     33 
_pdbx_refine_tls_group.end_label_asym_id   ? 
_pdbx_refine_tls_group.end_label_seq_id    ? 
_pdbx_refine_tls_group.selection           ? 
_pdbx_refine_tls_group.selection_details   ? 
# 
loop_
_software.name 
_software.classification 
_software.version 
_software.citation_id 
_software.pdbx_ordinal 
ADSC     'data collection' Quantum  ? 1 
PHASER   phasing           .        ? 2 
REFMAC   refinement        5.2.0005 ? 3 
HKL-2000 'data reduction'  .        ? 4 
HKL-2000 'data scaling'    .        ? 5 
# 
loop_
_pdbx_unobs_or_zero_occ_atoms.id 
_pdbx_unobs_or_zero_occ_atoms.PDB_model_num 
_pdbx_unobs_or_zero_occ_atoms.polymer_flag 
_pdbx_unobs_or_zero_occ_atoms.occupancy_flag 
_pdbx_unobs_or_zero_occ_atoms.auth_asym_id 
_pdbx_unobs_or_zero_occ_atoms.auth_comp_id 
_pdbx_unobs_or_zero_occ_atoms.auth_seq_id 
_pdbx_unobs_or_zero_occ_atoms.PDB_ins_code 
_pdbx_unobs_or_zero_occ_atoms.auth_atom_id 
_pdbx_unobs_or_zero_occ_atoms.label_alt_id 
_pdbx_unobs_or_zero_occ_atoms.label_asym_id 
_pdbx_unobs_or_zero_occ_atoms.label_comp_id 
_pdbx_unobs_or_zero_occ_atoms.label_seq_id 
_pdbx_unobs_or_zero_occ_atoms.label_atom_id 
1  1 N 1 A JEF 34 ? C38 ? B JEF 1 C38 
2  1 N 1 A JEF 34 ? O12 ? B JEF 1 O12 
3  1 N 1 A JEF 34 ? C37 ? B JEF 1 C37 
4  1 N 1 A JEF 34 ? C36 ? B JEF 1 C36 
5  1 N 1 A JEF 34 ? O11 ? B JEF 1 O11 
6  1 N 1 A JEF 34 ? C33 ? B JEF 1 C33 
7  1 N 1 A JEF 34 ? C34 ? B JEF 1 C34 
8  1 N 1 A JEF 34 ? C32 ? B JEF 1 C32 
9  1 N 1 A JEF 34 ? O10 ? B JEF 1 O10 
10 1 N 1 A JEF 34 ? C19 ? B JEF 1 C19 
11 1 N 1 A JEF 34 ? C40 ? B JEF 1 C40 
12 1 N 1 A JEF 34 ? O3  ? B JEF 1 O3  
13 1 N 1 A JEF 34 ? C7  ? B JEF 1 C7  
14 1 N 1 A JEF 34 ? C9  ? B JEF 1 C9  
15 1 N 1 A JEF 34 ? C8  ? B JEF 1 C8  
16 1 N 1 A JEF 34 ? O4  ? B JEF 1 O4  
17 1 N 1 A JEF 34 ? C11 ? B JEF 1 C11 
18 1 N 1 A JEF 34 ? C12 ? B JEF 1 C12 
19 1 N 1 A JEF 34 ? C10 ? B JEF 1 C10 
20 1 N 1 A JEF 34 ? O5  ? B JEF 1 O5  
21 1 N 1 A JEF 34 ? C13 ? B JEF 1 C13 
22 1 N 1 A JEF 34 ? C15 ? B JEF 1 C15 
23 1 N 1 A JEF 34 ? C14 ? B JEF 1 C14 
24 1 N 1 A JEF 34 ? O6  ? B JEF 1 O6  
25 1 N 1 A JEF 34 ? C16 ? B JEF 1 C16 
26 1 N 1 A JEF 34 ? C30 ? B JEF 1 C30 
27 1 N 1 A JEF 34 ? C31 ? B JEF 1 C31 
28 1 N 1 A JEF 34 ? N1  ? B JEF 1 N1  
# 
loop_
_pdbx_unobs_or_zero_occ_residues.id 
_pdbx_unobs_or_zero_occ_residues.PDB_model_num 
_pdbx_unobs_or_zero_occ_residues.polymer_flag 
_pdbx_unobs_or_zero_occ_residues.occupancy_flag 
_pdbx_unobs_or_zero_occ_residues.auth_asym_id 
_pdbx_unobs_or_zero_occ_residues.auth_comp_id 
_pdbx_unobs_or_zero_occ_residues.auth_seq_id 
_pdbx_unobs_or_zero_occ_residues.PDB_ins_code 
_pdbx_unobs_or_zero_occ_residues.label_asym_id 
_pdbx_unobs_or_zero_occ_residues.label_comp_id 
_pdbx_unobs_or_zero_occ_residues.label_seq_id 
1 1 Y 1 A GLU 1 ? A GLU 1 
2 1 Y 1 A ALA 2 ? A ALA 2 
3 1 Y 1 A GLN 3 ? A GLN 3 
# 
loop_
_chem_comp_atom.comp_id 
_chem_comp_atom.atom_id 
_chem_comp_atom.type_symbol 
_chem_comp_atom.pdbx_aromatic_flag 
_chem_comp_atom.pdbx_stereo_config 
_chem_comp_atom.pdbx_ordinal 
ALA N    N N N 1   
ALA CA   C N S 2   
ALA C    C N N 3   
ALA O    O N N 4   
ALA CB   C N N 5   
ALA OXT  O N N 6   
ALA H    H N N 7   
ALA H2   H N N 8   
ALA HA   H N N 9   
ALA HB1  H N N 10  
ALA HB2  H N N 11  
ALA HB3  H N N 12  
ALA HXT  H N N 13  
ARG N    N N N 14  
ARG CA   C N S 15  
ARG C    C N N 16  
ARG O    O N N 17  
ARG CB   C N N 18  
ARG CG   C N N 19  
ARG CD   C N N 20  
ARG NE   N N N 21  
ARG CZ   C N N 22  
ARG NH1  N N N 23  
ARG NH2  N N N 24  
ARG OXT  O N N 25  
ARG H    H N N 26  
ARG H2   H N N 27  
ARG HA   H N N 28  
ARG HB2  H N N 29  
ARG HB3  H N N 30  
ARG HG2  H N N 31  
ARG HG3  H N N 32  
ARG HD2  H N N 33  
ARG HD3  H N N 34  
ARG HE   H N N 35  
ARG HH11 H N N 36  
ARG HH12 H N N 37  
ARG HH21 H N N 38  
ARG HH22 H N N 39  
ARG HXT  H N N 40  
ASP N    N N N 41  
ASP CA   C N S 42  
ASP C    C N N 43  
ASP O    O N N 44  
ASP CB   C N N 45  
ASP CG   C N N 46  
ASP OD1  O N N 47  
ASP OD2  O N N 48  
ASP OXT  O N N 49  
ASP H    H N N 50  
ASP H2   H N N 51  
ASP HA   H N N 52  
ASP HB2  H N N 53  
ASP HB3  H N N 54  
ASP HD2  H N N 55  
ASP HXT  H N N 56  
GLN N    N N N 57  
GLN CA   C N S 58  
GLN C    C N N 59  
GLN O    O N N 60  
GLN CB   C N N 61  
GLN CG   C N N 62  
GLN CD   C N N 63  
GLN OE1  O N N 64  
GLN NE2  N N N 65  
GLN OXT  O N N 66  
GLN H    H N N 67  
GLN H2   H N N 68  
GLN HA   H N N 69  
GLN HB2  H N N 70  
GLN HB3  H N N 71  
GLN HG2  H N N 72  
GLN HG3  H N N 73  
GLN HE21 H N N 74  
GLN HE22 H N N 75  
GLN HXT  H N N 76  
GLU N    N N N 77  
GLU CA   C N S 78  
GLU C    C N N 79  
GLU O    O N N 80  
GLU CB   C N N 81  
GLU CG   C N N 82  
GLU CD   C N N 83  
GLU OE1  O N N 84  
GLU OE2  O N N 85  
GLU OXT  O N N 86  
GLU H    H N N 87  
GLU H2   H N N 88  
GLU HA   H N N 89  
GLU HB2  H N N 90  
GLU HB3  H N N 91  
GLU HG2  H N N 92  
GLU HG3  H N N 93  
GLU HE2  H N N 94  
GLU HXT  H N N 95  
GLY N    N N N 96  
GLY CA   C N N 97  
GLY C    C N N 98  
GLY O    O N N 99  
GLY OXT  O N N 100 
GLY H    H N N 101 
GLY H2   H N N 102 
GLY HA2  H N N 103 
GLY HA3  H N N 104 
GLY HXT  H N N 105 
HIS N    N N N 106 
HIS CA   C N S 107 
HIS C    C N N 108 
HIS O    O N N 109 
HIS CB   C N N 110 
HIS CG   C Y N 111 
HIS ND1  N Y N 112 
HIS CD2  C Y N 113 
HIS CE1  C Y N 114 
HIS NE2  N Y N 115 
HIS OXT  O N N 116 
HIS H    H N N 117 
HIS H2   H N N 118 
HIS HA   H N N 119 
HIS HB2  H N N 120 
HIS HB3  H N N 121 
HIS HD1  H N N 122 
HIS HD2  H N N 123 
HIS HE1  H N N 124 
HIS HE2  H N N 125 
HIS HXT  H N N 126 
HOH O    O N N 127 
HOH H1   H N N 128 
HOH H2   H N N 129 
ILE N    N N N 130 
ILE CA   C N S 131 
ILE C    C N N 132 
ILE O    O N N 133 
ILE CB   C N S 134 
ILE CG1  C N N 135 
ILE CG2  C N N 136 
ILE CD1  C N N 137 
ILE OXT  O N N 138 
ILE H    H N N 139 
ILE H2   H N N 140 
ILE HA   H N N 141 
ILE HB   H N N 142 
ILE HG12 H N N 143 
ILE HG13 H N N 144 
ILE HG21 H N N 145 
ILE HG22 H N N 146 
ILE HG23 H N N 147 
ILE HD11 H N N 148 
ILE HD12 H N N 149 
ILE HD13 H N N 150 
ILE HXT  H N N 151 
JEF C38  C N N 152 
JEF O12  O N N 153 
JEF C37  C N N 154 
JEF C36  C N N 155 
JEF O11  O N N 156 
JEF C33  C N N 157 
JEF C34  C N N 158 
JEF C32  C N N 159 
JEF O10  O N N 160 
JEF C19  C N N 161 
JEF C40  C N N 162 
JEF C20  C N N 163 
JEF O    O N N 164 
JEF C    C N R 165 
JEF C18  C N N 166 
JEF C17  C N N 167 
JEF OH   O N N 168 
JEF C2   C N R 169 
JEF C1   C N N 170 
JEF C3   C N N 171 
JEF O2   O N N 172 
JEF C5   C N S 173 
JEF C6   C N N 174 
JEF C4   C N N 175 
JEF O3   O N N 176 
JEF C7   C N S 177 
JEF C9   C N N 178 
JEF C8   C N N 179 
JEF O4   O N N 180 
JEF C11  C N R 181 
JEF C12  C N N 182 
JEF C10  C N N 183 
JEF O5   O N N 184 
JEF C13  C N R 185 
JEF C15  C N N 186 
JEF C14  C N N 187 
JEF O6   O N N 188 
JEF C16  C N N 189 
JEF C30  C N N 190 
JEF C31  C N N 191 
JEF N1   N N N 192 
JEF H381 H N N 193 
JEF H382 H N N 194 
JEF H383 H N N 195 
JEF H371 H N N 196 
JEF H372 H N N 197 
JEF H361 H N N 198 
JEF H362 H N N 199 
JEF H33  H N N 200 
JEF H341 H N N 201 
JEF H342 H N N 202 
JEF H343 H N N 203 
JEF H321 H N N 204 
JEF H322 H N N 205 
JEF H19  H N N 206 
JEF H401 H N N 207 
JEF H402 H N N 208 
JEF H403 H N N 209 
JEF H201 H N N 210 
JEF H202 H N N 211 
JEF H    H N N 212 
JEF H181 H N N 213 
JEF H182 H N N 214 
JEF H183 H N N 215 
JEF H171 H N N 216 
JEF H172 H N N 217 
JEF H2   H N N 218 
JEF H11A H N N 219 
JEF H12  H N N 220 
JEF H13A H N N 221 
JEF H31  H N N 222 
JEF H32  H N N 223 
JEF H5   H N N 224 
JEF H61  H N N 225 
JEF H62  H N N 226 
JEF H63  H N N 227 
JEF H41  H N N 228 
JEF H42  H N N 229 
JEF H7   H N N 230 
JEF H91  H N N 231 
JEF H92  H N N 232 
JEF H93  H N N 233 
JEF H81  H N N 234 
JEF H82  H N N 235 
JEF H11  H N N 236 
JEF H121 H N N 237 
JEF H122 H N N 238 
JEF H123 H N N 239 
JEF H101 H N N 240 
JEF H102 H N N 241 
JEF H13  H N N 242 
JEF H151 H N N 243 
JEF H152 H N N 244 
JEF H153 H N N 245 
JEF H141 H N N 246 
JEF H142 H N N 247 
JEF H161 H N N 248 
JEF H162 H N N 249 
JEF H30  H N N 250 
JEF H311 H N N 251 
JEF H312 H N N 252 
JEF H313 H N N 253 
JEF HN11 H N N 254 
JEF HN12 H N N 255 
LEU N    N N N 256 
LEU CA   C N S 257 
LEU C    C N N 258 
LEU O    O N N 259 
LEU CB   C N N 260 
LEU CG   C N N 261 
LEU CD1  C N N 262 
LEU CD2  C N N 263 
LEU OXT  O N N 264 
LEU H    H N N 265 
LEU H2   H N N 266 
LEU HA   H N N 267 
LEU HB2  H N N 268 
LEU HB3  H N N 269 
LEU HG   H N N 270 
LEU HD11 H N N 271 
LEU HD12 H N N 272 
LEU HD13 H N N 273 
LEU HD21 H N N 274 
LEU HD22 H N N 275 
LEU HD23 H N N 276 
LEU HXT  H N N 277 
LYS N    N N N 278 
LYS CA   C N S 279 
LYS C    C N N 280 
LYS O    O N N 281 
LYS CB   C N N 282 
LYS CG   C N N 283 
LYS CD   C N N 284 
LYS CE   C N N 285 
LYS NZ   N N N 286 
LYS OXT  O N N 287 
LYS H    H N N 288 
LYS H2   H N N 289 
LYS HA   H N N 290 
LYS HB2  H N N 291 
LYS HB3  H N N 292 
LYS HG2  H N N 293 
LYS HG3  H N N 294 
LYS HD2  H N N 295 
LYS HD3  H N N 296 
LYS HE2  H N N 297 
LYS HE3  H N N 298 
LYS HZ1  H N N 299 
LYS HZ2  H N N 300 
LYS HZ3  H N N 301 
LYS HXT  H N N 302 
THR N    N N N 303 
THR CA   C N S 304 
THR C    C N N 305 
THR O    O N N 306 
THR CB   C N R 307 
THR OG1  O N N 308 
THR CG2  C N N 309 
THR OXT  O N N 310 
THR H    H N N 311 
THR H2   H N N 312 
THR HA   H N N 313 
THR HB   H N N 314 
THR HG1  H N N 315 
THR HG21 H N N 316 
THR HG22 H N N 317 
THR HG23 H N N 318 
THR HXT  H N N 319 
TRP N    N N N 320 
TRP CA   C N S 321 
TRP C    C N N 322 
TRP O    O N N 323 
TRP CB   C N N 324 
TRP CG   C Y N 325 
TRP CD1  C Y N 326 
TRP CD2  C Y N 327 
TRP NE1  N Y N 328 
TRP CE2  C Y N 329 
TRP CE3  C Y N 330 
TRP CZ2  C Y N 331 
TRP CZ3  C Y N 332 
TRP CH2  C Y N 333 
TRP OXT  O N N 334 
TRP H    H N N 335 
TRP H2   H N N 336 
TRP HA   H N N 337 
TRP HB2  H N N 338 
TRP HB3  H N N 339 
TRP HD1  H N N 340 
TRP HE1  H N N 341 
TRP HE3  H N N 342 
TRP HZ2  H N N 343 
TRP HZ3  H N N 344 
TRP HH2  H N N 345 
TRP HXT  H N N 346 
TYR N    N N N 347 
TYR CA   C N S 348 
TYR C    C N N 349 
TYR O    O N N 350 
TYR CB   C N N 351 
TYR CG   C Y N 352 
TYR CD1  C Y N 353 
TYR CD2  C Y N 354 
TYR CE1  C Y N 355 
TYR CE2  C Y N 356 
TYR CZ   C Y N 357 
TYR OH   O N N 358 
TYR OXT  O N N 359 
TYR H    H N N 360 
TYR H2   H N N 361 
TYR HA   H N N 362 
TYR HB2  H N N 363 
TYR HB3  H N N 364 
TYR HD1  H N N 365 
TYR HD2  H N N 366 
TYR HE1  H N N 367 
TYR HE2  H N N 368 
TYR HH   H N N 369 
TYR HXT  H N N 370 
VAL N    N N N 371 
VAL CA   C N S 372 
VAL C    C N N 373 
VAL O    O N N 374 
VAL CB   C N N 375 
VAL CG1  C N N 376 
VAL CG2  C N N 377 
VAL OXT  O N N 378 
VAL H    H N N 379 
VAL H2   H N N 380 
VAL HA   H N N 381 
VAL HB   H N N 382 
VAL HG11 H N N 383 
VAL HG12 H N N 384 
VAL HG13 H N N 385 
VAL HG21 H N N 386 
VAL HG22 H N N 387 
VAL HG23 H N N 388 
VAL HXT  H N N 389 
# 
loop_
_chem_comp_bond.comp_id 
_chem_comp_bond.atom_id_1 
_chem_comp_bond.atom_id_2 
_chem_comp_bond.value_order 
_chem_comp_bond.pdbx_aromatic_flag 
_chem_comp_bond.pdbx_stereo_config 
_chem_comp_bond.pdbx_ordinal 
ALA N   CA   sing N N 1   
ALA N   H    sing N N 2   
ALA N   H2   sing N N 3   
ALA CA  C    sing N N 4   
ALA CA  CB   sing N N 5   
ALA CA  HA   sing N N 6   
ALA C   O    doub N N 7   
ALA C   OXT  sing N N 8   
ALA CB  HB1  sing N N 9   
ALA CB  HB2  sing N N 10  
ALA CB  HB3  sing N N 11  
ALA OXT HXT  sing N N 12  
ARG N   CA   sing N N 13  
ARG N   H    sing N N 14  
ARG N   H2   sing N N 15  
ARG CA  C    sing N N 16  
ARG CA  CB   sing N N 17  
ARG CA  HA   sing N N 18  
ARG C   O    doub N N 19  
ARG C   OXT  sing N N 20  
ARG CB  CG   sing N N 21  
ARG CB  HB2  sing N N 22  
ARG CB  HB3  sing N N 23  
ARG CG  CD   sing N N 24  
ARG CG  HG2  sing N N 25  
ARG CG  HG3  sing N N 26  
ARG CD  NE   sing N N 27  
ARG CD  HD2  sing N N 28  
ARG CD  HD3  sing N N 29  
ARG NE  CZ   sing N N 30  
ARG NE  HE   sing N N 31  
ARG CZ  NH1  sing N N 32  
ARG CZ  NH2  doub N N 33  
ARG NH1 HH11 sing N N 34  
ARG NH1 HH12 sing N N 35  
ARG NH2 HH21 sing N N 36  
ARG NH2 HH22 sing N N 37  
ARG OXT HXT  sing N N 38  
ASP N   CA   sing N N 39  
ASP N   H    sing N N 40  
ASP N   H2   sing N N 41  
ASP CA  C    sing N N 42  
ASP CA  CB   sing N N 43  
ASP CA  HA   sing N N 44  
ASP C   O    doub N N 45  
ASP C   OXT  sing N N 46  
ASP CB  CG   sing N N 47  
ASP CB  HB2  sing N N 48  
ASP CB  HB3  sing N N 49  
ASP CG  OD1  doub N N 50  
ASP CG  OD2  sing N N 51  
ASP OD2 HD2  sing N N 52  
ASP OXT HXT  sing N N 53  
GLN N   CA   sing N N 54  
GLN N   H    sing N N 55  
GLN N   H2   sing N N 56  
GLN CA  C    sing N N 57  
GLN CA  CB   sing N N 58  
GLN CA  HA   sing N N 59  
GLN C   O    doub N N 60  
GLN C   OXT  sing N N 61  
GLN CB  CG   sing N N 62  
GLN CB  HB2  sing N N 63  
GLN CB  HB3  sing N N 64  
GLN CG  CD   sing N N 65  
GLN CG  HG2  sing N N 66  
GLN CG  HG3  sing N N 67  
GLN CD  OE1  doub N N 68  
GLN CD  NE2  sing N N 69  
GLN NE2 HE21 sing N N 70  
GLN NE2 HE22 sing N N 71  
GLN OXT HXT  sing N N 72  
GLU N   CA   sing N N 73  
GLU N   H    sing N N 74  
GLU N   H2   sing N N 75  
GLU CA  C    sing N N 76  
GLU CA  CB   sing N N 77  
GLU CA  HA   sing N N 78  
GLU C   O    doub N N 79  
GLU C   OXT  sing N N 80  
GLU CB  CG   sing N N 81  
GLU CB  HB2  sing N N 82  
GLU CB  HB3  sing N N 83  
GLU CG  CD   sing N N 84  
GLU CG  HG2  sing N N 85  
GLU CG  HG3  sing N N 86  
GLU CD  OE1  doub N N 87  
GLU CD  OE2  sing N N 88  
GLU OE2 HE2  sing N N 89  
GLU OXT HXT  sing N N 90  
GLY N   CA   sing N N 91  
GLY N   H    sing N N 92  
GLY N   H2   sing N N 93  
GLY CA  C    sing N N 94  
GLY CA  HA2  sing N N 95  
GLY CA  HA3  sing N N 96  
GLY C   O    doub N N 97  
GLY C   OXT  sing N N 98  
GLY OXT HXT  sing N N 99  
HIS N   CA   sing N N 100 
HIS N   H    sing N N 101 
HIS N   H2   sing N N 102 
HIS CA  C    sing N N 103 
HIS CA  CB   sing N N 104 
HIS CA  HA   sing N N 105 
HIS C   O    doub N N 106 
HIS C   OXT  sing N N 107 
HIS CB  CG   sing N N 108 
HIS CB  HB2  sing N N 109 
HIS CB  HB3  sing N N 110 
HIS CG  ND1  sing Y N 111 
HIS CG  CD2  doub Y N 112 
HIS ND1 CE1  doub Y N 113 
HIS ND1 HD1  sing N N 114 
HIS CD2 NE2  sing Y N 115 
HIS CD2 HD2  sing N N 116 
HIS CE1 NE2  sing Y N 117 
HIS CE1 HE1  sing N N 118 
HIS NE2 HE2  sing N N 119 
HIS OXT HXT  sing N N 120 
HOH O   H1   sing N N 121 
HOH O   H2   sing N N 122 
ILE N   CA   sing N N 123 
ILE N   H    sing N N 124 
ILE N   H2   sing N N 125 
ILE CA  C    sing N N 126 
ILE CA  CB   sing N N 127 
ILE CA  HA   sing N N 128 
ILE C   O    doub N N 129 
ILE C   OXT  sing N N 130 
ILE CB  CG1  sing N N 131 
ILE CB  CG2  sing N N 132 
ILE CB  HB   sing N N 133 
ILE CG1 CD1  sing N N 134 
ILE CG1 HG12 sing N N 135 
ILE CG1 HG13 sing N N 136 
ILE CG2 HG21 sing N N 137 
ILE CG2 HG22 sing N N 138 
ILE CG2 HG23 sing N N 139 
ILE CD1 HD11 sing N N 140 
ILE CD1 HD12 sing N N 141 
ILE CD1 HD13 sing N N 142 
ILE OXT HXT  sing N N 143 
JEF C38 O12  sing N N 144 
JEF C38 H381 sing N N 145 
JEF C38 H382 sing N N 146 
JEF C38 H383 sing N N 147 
JEF O12 C37  sing N N 148 
JEF C37 C36  sing N N 149 
JEF C37 H371 sing N N 150 
JEF C37 H372 sing N N 151 
JEF C36 O11  sing N N 152 
JEF C36 H361 sing N N 153 
JEF C36 H362 sing N N 154 
JEF C33 C34  sing N N 155 
JEF C33 C32  sing N N 156 
JEF C33 H33  sing N N 157 
JEF C34 H341 sing N N 158 
JEF C34 H342 sing N N 159 
JEF C34 H343 sing N N 160 
JEF C32 O10  sing N N 161 
JEF C32 H321 sing N N 162 
JEF C32 H322 sing N N 163 
JEF O10 C19  sing N N 164 
JEF C19 C40  sing N N 165 
JEF C19 C20  sing N N 166 
JEF C19 H19  sing N N 167 
JEF C40 H401 sing N N 168 
JEF C40 H402 sing N N 169 
JEF C40 H403 sing N N 170 
JEF C20 O    sing N N 171 
JEF C20 H201 sing N N 172 
JEF C20 H202 sing N N 173 
JEF O   C    sing N N 174 
JEF C   C18  sing N N 175 
JEF C   C17  sing N N 176 
JEF C   H    sing N N 177 
JEF C18 H181 sing N N 178 
JEF C18 H182 sing N N 179 
JEF C18 H183 sing N N 180 
JEF C17 OH   sing N N 181 
JEF C17 H171 sing N N 182 
JEF C17 H172 sing N N 183 
JEF OH  C2   sing N N 184 
JEF C2  C1   sing N N 185 
JEF C2  C3   sing N N 186 
JEF C2  H2   sing N N 187 
JEF C1  H11A sing N N 188 
JEF C1  H12  sing N N 189 
JEF C1  H13A sing N N 190 
JEF C3  O2   sing N N 191 
JEF C3  H31  sing N N 192 
JEF C3  H32  sing N N 193 
JEF O2  C5   sing N N 194 
JEF C5  C6   sing N N 195 
JEF C5  C4   sing N N 196 
JEF C5  H5   sing N N 197 
JEF C6  H61  sing N N 198 
JEF C6  H62  sing N N 199 
JEF C6  H63  sing N N 200 
JEF C4  O3   sing N N 201 
JEF C4  H41  sing N N 202 
JEF C4  H42  sing N N 203 
JEF O3  C7   sing N N 204 
JEF C7  C9   sing N N 205 
JEF C7  C8   sing N N 206 
JEF C7  H7   sing N N 207 
JEF C9  H91  sing N N 208 
JEF C9  H92  sing N N 209 
JEF C9  H93  sing N N 210 
JEF C8  O4   sing N N 211 
JEF C8  H81  sing N N 212 
JEF C8  H82  sing N N 213 
JEF O4  C11  sing N N 214 
JEF C11 C12  sing N N 215 
JEF C11 C10  sing N N 216 
JEF C11 H11  sing N N 217 
JEF C12 H121 sing N N 218 
JEF C12 H122 sing N N 219 
JEF C12 H123 sing N N 220 
JEF C10 O5   sing N N 221 
JEF C10 H101 sing N N 222 
JEF C10 H102 sing N N 223 
JEF O5  C13  sing N N 224 
JEF C13 C15  sing N N 225 
JEF C13 C14  sing N N 226 
JEF C13 H13  sing N N 227 
JEF C15 H151 sing N N 228 
JEF C15 H152 sing N N 229 
JEF C15 H153 sing N N 230 
JEF C14 O6   sing N N 231 
JEF C14 H141 sing N N 232 
JEF C14 H142 sing N N 233 
JEF O6  C16  sing N N 234 
JEF C16 C30  sing N N 235 
JEF C16 H161 sing N N 236 
JEF C16 H162 sing N N 237 
JEF C30 C31  sing N N 238 
JEF C30 N1   sing N N 239 
JEF C30 H30  sing N N 240 
JEF C31 H311 sing N N 241 
JEF C31 H312 sing N N 242 
JEF C31 H313 sing N N 243 
JEF N1  HN11 sing N N 244 
JEF N1  HN12 sing N N 245 
JEF C33 O11  sing N N 246 
LEU N   CA   sing N N 247 
LEU N   H    sing N N 248 
LEU N   H2   sing N N 249 
LEU CA  C    sing N N 250 
LEU CA  CB   sing N N 251 
LEU CA  HA   sing N N 252 
LEU C   O    doub N N 253 
LEU C   OXT  sing N N 254 
LEU CB  CG   sing N N 255 
LEU CB  HB2  sing N N 256 
LEU CB  HB3  sing N N 257 
LEU CG  CD1  sing N N 258 
LEU CG  CD2  sing N N 259 
LEU CG  HG   sing N N 260 
LEU CD1 HD11 sing N N 261 
LEU CD1 HD12 sing N N 262 
LEU CD1 HD13 sing N N 263 
LEU CD2 HD21 sing N N 264 
LEU CD2 HD22 sing N N 265 
LEU CD2 HD23 sing N N 266 
LEU OXT HXT  sing N N 267 
LYS N   CA   sing N N 268 
LYS N   H    sing N N 269 
LYS N   H2   sing N N 270 
LYS CA  C    sing N N 271 
LYS CA  CB   sing N N 272 
LYS CA  HA   sing N N 273 
LYS C   O    doub N N 274 
LYS C   OXT  sing N N 275 
LYS CB  CG   sing N N 276 
LYS CB  HB2  sing N N 277 
LYS CB  HB3  sing N N 278 
LYS CG  CD   sing N N 279 
LYS CG  HG2  sing N N 280 
LYS CG  HG3  sing N N 281 
LYS CD  CE   sing N N 282 
LYS CD  HD2  sing N N 283 
LYS CD  HD3  sing N N 284 
LYS CE  NZ   sing N N 285 
LYS CE  HE2  sing N N 286 
LYS CE  HE3  sing N N 287 
LYS NZ  HZ1  sing N N 288 
LYS NZ  HZ2  sing N N 289 
LYS NZ  HZ3  sing N N 290 
LYS OXT HXT  sing N N 291 
THR N   CA   sing N N 292 
THR N   H    sing N N 293 
THR N   H2   sing N N 294 
THR CA  C    sing N N 295 
THR CA  CB   sing N N 296 
THR CA  HA   sing N N 297 
THR C   O    doub N N 298 
THR C   OXT  sing N N 299 
THR CB  OG1  sing N N 300 
THR CB  CG2  sing N N 301 
THR CB  HB   sing N N 302 
THR OG1 HG1  sing N N 303 
THR CG2 HG21 sing N N 304 
THR CG2 HG22 sing N N 305 
THR CG2 HG23 sing N N 306 
THR OXT HXT  sing N N 307 
TRP N   CA   sing N N 308 
TRP N   H    sing N N 309 
TRP N   H2   sing N N 310 
TRP CA  C    sing N N 311 
TRP CA  CB   sing N N 312 
TRP CA  HA   sing N N 313 
TRP C   O    doub N N 314 
TRP C   OXT  sing N N 315 
TRP CB  CG   sing N N 316 
TRP CB  HB2  sing N N 317 
TRP CB  HB3  sing N N 318 
TRP CG  CD1  doub Y N 319 
TRP CG  CD2  sing Y N 320 
TRP CD1 NE1  sing Y N 321 
TRP CD1 HD1  sing N N 322 
TRP CD2 CE2  doub Y N 323 
TRP CD2 CE3  sing Y N 324 
TRP NE1 CE2  sing Y N 325 
TRP NE1 HE1  sing N N 326 
TRP CE2 CZ2  sing Y N 327 
TRP CE3 CZ3  doub Y N 328 
TRP CE3 HE3  sing N N 329 
TRP CZ2 CH2  doub Y N 330 
TRP CZ2 HZ2  sing N N 331 
TRP CZ3 CH2  sing Y N 332 
TRP CZ3 HZ3  sing N N 333 
TRP CH2 HH2  sing N N 334 
TRP OXT HXT  sing N N 335 
TYR N   CA   sing N N 336 
TYR N   H    sing N N 337 
TYR N   H2   sing N N 338 
TYR CA  C    sing N N 339 
TYR CA  CB   sing N N 340 
TYR CA  HA   sing N N 341 
TYR C   O    doub N N 342 
TYR C   OXT  sing N N 343 
TYR CB  CG   sing N N 344 
TYR CB  HB2  sing N N 345 
TYR CB  HB3  sing N N 346 
TYR CG  CD1  doub Y N 347 
TYR CG  CD2  sing Y N 348 
TYR CD1 CE1  sing Y N 349 
TYR CD1 HD1  sing N N 350 
TYR CD2 CE2  doub Y N 351 
TYR CD2 HD2  sing N N 352 
TYR CE1 CZ   doub Y N 353 
TYR CE1 HE1  sing N N 354 
TYR CE2 CZ   sing Y N 355 
TYR CE2 HE2  sing N N 356 
TYR CZ  OH   sing N N 357 
TYR OH  HH   sing N N 358 
TYR OXT HXT  sing N N 359 
VAL N   CA   sing N N 360 
VAL N   H    sing N N 361 
VAL N   H2   sing N N 362 
VAL CA  C    sing N N 363 
VAL CA  CB   sing N N 364 
VAL CA  HA   sing N N 365 
VAL C   O    doub N N 366 
VAL C   OXT  sing N N 367 
VAL CB  CG1  sing N N 368 
VAL CB  CG2  sing N N 369 
VAL CB  HB   sing N N 370 
VAL CG1 HG11 sing N N 371 
VAL CG1 HG12 sing N N 372 
VAL CG1 HG13 sing N N 373 
VAL CG2 HG21 sing N N 374 
VAL CG2 HG22 sing N N 375 
VAL CG2 HG23 sing N N 376 
VAL OXT HXT  sing N N 377 
# 
loop_
_pdbx_entity_nonpoly.entity_id 
_pdbx_entity_nonpoly.name 
_pdbx_entity_nonpoly.comp_id 
2 
;O-(O-(2-AMINOPROPYL)-O'-(2-METHOXYETHYL)POLYPROPYLENE GLYCOL 500)
;
JEF 
3 water                                                               HOH 
# 
_pdbx_initial_refinement_model.id               1 
_pdbx_initial_refinement_model.entity_id_list   ? 
_pdbx_initial_refinement_model.type             'experimental model' 
_pdbx_initial_refinement_model.source_name      PDB 
_pdbx_initial_refinement_model.accession_code   1AIK 
_pdbx_initial_refinement_model.details          'PDB ENTRY 1AIK' 
# 
